data_7RUT
#
_entry.id   7RUT
#
_cell.length_a   77.151
_cell.length_b   75.769
_cell.length_c   95.844
_cell.angle_alpha   90.000
_cell.angle_beta   91.300
_cell.angle_gamma   90.000
#
_symmetry.space_group_name_H-M   'P 1 21 1'
#
loop_
_entity.id
_entity.type
_entity.pdbx_description
1 polymer 'Corrinoid adenosyltransferase'
2 non-polymer 'MAGNESIUM ION'
3 non-polymer 'POTASSIUM ION'
4 non-polymer "ADENOSINE-5'-TRIPHOSPHATE"
5 non-polymer GLYCEROL
6 water water
#
_entity_poly.entity_id   1
_entity_poly.type   'polypeptide(L)'
_entity_poly.pdbx_seq_one_letter_code
;MPKIYTKTGDKGFSSTFTGERRPKDDQVFEAVGTTDELSSAIGFALELVTEKGHTFAEELQKIQCTLQDVGSALATPCSS
AREAHLKYTTFKAGPILELEQWIDKYTSQLPPLTAFILPSGGKISSALHFCRAVCCRAERRVVPLVQMGETDANVAKFLN
RLSDYLFTLARYAAMKEGNQEKIYMKNDPSAESEGL
;
_entity_poly.pdbx_strand_id   E,C,F,B,A,D
#
loop_
_chem_comp.id
_chem_comp.type
_chem_comp.name
_chem_comp.formula
ATP non-polymer ADENOSINE-5'-TRIPHOSPHATE 'C10 H16 N5 O13 P3'
GOL non-polymer GLYCEROL 'C3 H8 O3'
K non-polymer 'POTASSIUM ION' 'K 1'
MG non-polymer 'MAGNESIUM ION' 'Mg 2'
#
# COMPACT_ATOMS: atom_id res chain seq x y z
N PRO A 2 -24.13 26.04 16.11
CA PRO A 2 -23.49 26.47 14.87
C PRO A 2 -23.38 25.36 13.83
N LYS A 3 -24.44 25.15 13.06
CA LYS A 3 -24.41 24.20 11.95
C LYS A 3 -23.67 24.82 10.77
N ILE A 4 -23.47 24.03 9.71
CA ILE A 4 -22.78 24.54 8.53
C ILE A 4 -23.59 25.65 7.88
N TYR A 5 -24.92 25.57 7.96
CA TYR A 5 -25.76 26.66 7.46
C TYR A 5 -26.05 27.62 8.61
N THR A 6 -25.36 28.75 8.62
CA THR A 6 -25.56 29.77 9.64
C THR A 6 -26.75 30.67 9.32
N LYS A 7 -27.14 30.73 8.05
CA LYS A 7 -28.19 31.60 7.49
C LYS A 7 -27.77 33.06 7.49
N THR A 8 -26.54 33.40 7.91
CA THR A 8 -26.10 34.78 7.82
C THR A 8 -25.92 35.25 6.36
N GLY A 9 -25.91 34.33 5.39
CA GLY A 9 -25.88 34.65 3.98
C GLY A 9 -27.25 34.65 3.30
N ASP A 10 -28.34 34.47 4.05
CA ASP A 10 -29.66 34.27 3.45
C ASP A 10 -30.28 35.55 2.92
N LYS A 11 -29.72 36.72 3.23
CA LYS A 11 -30.24 37.98 2.71
C LYS A 11 -29.38 38.56 1.59
N GLY A 12 -28.41 37.79 1.08
CA GLY A 12 -27.65 38.22 -0.08
C GLY A 12 -26.34 38.91 0.22
N PHE A 13 -25.89 38.88 1.47
CA PHE A 13 -24.64 39.49 1.90
C PHE A 13 -23.76 38.45 2.56
N SER A 14 -22.45 38.68 2.52
CA SER A 14 -21.52 37.77 3.19
C SER A 14 -20.35 38.57 3.73
N SER A 15 -19.41 37.88 4.37
CA SER A 15 -18.28 38.50 5.05
C SER A 15 -16.99 38.21 4.30
N THR A 16 -16.15 39.24 4.16
CA THR A 16 -14.78 39.03 3.72
C THR A 16 -13.95 38.49 4.87
N PHE A 17 -12.67 38.19 4.60
CA PHE A 17 -11.76 37.74 5.64
C PHE A 17 -11.51 38.84 6.67
N THR A 18 -11.63 40.10 6.26
CA THR A 18 -11.49 41.22 7.18
C THR A 18 -12.75 41.44 8.02
N GLY A 19 -13.83 40.70 7.78
CA GLY A 19 -15.07 40.88 8.50
C GLY A 19 -16.02 41.87 7.87
N GLU A 20 -15.63 42.51 6.77
CA GLU A 20 -16.49 43.48 6.11
C GLU A 20 -17.65 42.78 5.42
N ARG A 21 -18.85 43.35 5.55
CA ARG A 21 -20.02 42.82 4.85
C ARG A 21 -20.10 43.42 3.44
N ARG A 22 -20.30 42.55 2.45
CA ARG A 22 -20.46 42.95 1.05
C ARG A 22 -21.56 42.12 0.42
N PRO A 23 -22.26 42.66 -0.57
CA PRO A 23 -23.24 41.84 -1.29
C PRO A 23 -22.54 40.69 -1.99
N LYS A 24 -23.26 39.57 -2.11
CA LYS A 24 -22.61 38.38 -2.64
C LYS A 24 -22.24 38.52 -4.11
N ASP A 25 -22.79 39.50 -4.84
CA ASP A 25 -22.34 39.73 -6.21
C ASP A 25 -21.16 40.69 -6.30
N ASP A 26 -20.59 41.09 -5.17
CA ASP A 26 -19.43 41.98 -5.20
C ASP A 26 -18.26 41.32 -5.94
N GLN A 27 -17.44 42.15 -6.58
CA GLN A 27 -16.28 41.64 -7.32
C GLN A 27 -15.39 40.72 -6.47
N VAL A 28 -15.32 40.93 -5.15
CA VAL A 28 -14.49 40.07 -4.30
C VAL A 28 -14.99 38.64 -4.34
N PHE A 29 -16.30 38.45 -4.17
CA PHE A 29 -16.86 37.11 -4.14
C PHE A 29 -16.89 36.48 -5.52
N GLU A 30 -17.00 37.30 -6.56
CA GLU A 30 -16.87 36.77 -7.91
C GLU A 30 -15.48 36.19 -8.15
N ALA A 31 -14.44 36.87 -7.65
CA ALA A 31 -13.07 36.37 -7.80
C ALA A 31 -12.82 35.16 -6.92
N VAL A 32 -13.25 35.22 -5.65
CA VAL A 32 -13.10 34.08 -4.75
C VAL A 32 -13.83 32.86 -5.31
N GLY A 33 -15.06 33.07 -5.77
CA GLY A 33 -15.86 31.97 -6.27
C GLY A 33 -15.29 31.35 -7.52
N THR A 34 -14.75 32.16 -8.42
CA THR A 34 -14.22 31.60 -9.66
C THR A 34 -12.91 30.89 -9.42
N THR A 35 -12.13 31.34 -8.43
CA THR A 35 -10.93 30.59 -8.04
C THR A 35 -11.31 29.23 -7.45
N ASP A 36 -12.38 29.19 -6.65
CA ASP A 36 -12.87 27.92 -6.11
C ASP A 36 -13.39 27.02 -7.21
N GLU A 37 -14.09 27.59 -8.20
CA GLU A 37 -14.53 26.82 -9.36
C GLU A 37 -13.34 26.21 -10.09
N LEU A 38 -12.27 26.99 -10.27
CA LEU A 38 -11.05 26.47 -10.90
C LEU A 38 -10.46 25.32 -10.09
N SER A 39 -10.32 25.51 -8.77
CA SER A 39 -9.74 24.45 -7.95
C SER A 39 -10.59 23.19 -8.01
N SER A 40 -11.92 23.36 -8.08
CA SER A 40 -12.81 22.20 -8.13
C SER A 40 -12.69 21.48 -9.47
N ALA A 41 -12.55 22.23 -10.57
CA ALA A 41 -12.34 21.61 -11.87
C ALA A 41 -11.04 20.85 -11.90
N ILE A 42 -9.98 21.42 -11.29
CA ILE A 42 -8.71 20.70 -11.21
C ILE A 42 -8.86 19.44 -10.37
N GLY A 43 -9.65 19.51 -9.29
CA GLY A 43 -9.85 18.33 -8.45
C GLY A 43 -10.47 17.18 -9.23
N PHE A 44 -11.44 17.49 -10.10
CA PHE A 44 -12.01 16.42 -10.93
C PHE A 44 -10.99 15.90 -11.94
N ALA A 45 -10.25 16.79 -12.61
CA ALA A 45 -9.17 16.34 -13.48
C ALA A 45 -8.17 15.47 -12.73
N LEU A 46 -7.85 15.83 -11.49
CA LEU A 46 -6.90 15.06 -10.69
C LEU A 46 -7.39 13.63 -10.49
N GLU A 47 -8.70 13.44 -10.34
CA GLU A 47 -9.23 12.09 -10.18
C GLU A 47 -8.95 11.25 -11.42
N LEU A 48 -9.10 11.84 -12.61
CA LEU A 48 -8.79 11.13 -13.85
C LEU A 48 -7.29 10.86 -13.97
N VAL A 49 -6.47 11.82 -13.55
CA VAL A 49 -5.03 11.67 -13.59
C VAL A 49 -4.58 10.52 -12.71
N THR A 50 -5.11 10.45 -11.49
CA THR A 50 -4.74 9.37 -10.58
C THR A 50 -5.15 8.00 -11.12
N GLU A 51 -6.31 7.91 -11.78
CA GLU A 51 -6.75 6.61 -12.30
C GLU A 51 -5.80 6.12 -13.39
N LYS A 52 -5.32 7.03 -14.23
CA LYS A 52 -4.44 6.68 -15.34
C LYS A 52 -3.00 6.42 -14.90
N GLY A 53 -2.61 6.92 -13.73
CA GLY A 53 -1.26 6.72 -13.26
C GLY A 53 -0.22 7.69 -13.78
N HIS A 54 -0.62 8.95 -14.02
CA HIS A 54 0.32 9.97 -14.45
C HIS A 54 1.19 10.42 -13.28
N THR A 55 2.33 11.02 -13.61
CA THR A 55 3.29 11.41 -12.59
C THR A 55 2.97 12.75 -11.92
N PHE A 56 2.06 13.55 -12.47
CA PHE A 56 1.92 14.93 -12.04
C PHE A 56 0.74 15.16 -11.11
N ALA A 57 0.21 14.10 -10.49
CA ALA A 57 -0.90 14.29 -9.55
C ALA A 57 -0.51 15.22 -8.40
N GLU A 58 0.71 15.09 -7.89
CA GLU A 58 1.13 15.90 -6.76
C GLU A 58 1.27 17.37 -7.14
N GLU A 59 1.69 17.66 -8.37
CA GLU A 59 1.74 19.05 -8.82
C GLU A 59 0.35 19.68 -8.79
N LEU A 60 -0.65 18.96 -9.31
CA LEU A 60 -2.00 19.53 -9.33
C LEU A 60 -2.51 19.76 -7.92
N GLN A 61 -2.17 18.86 -6.99
CA GLN A 61 -2.57 19.04 -5.60
C GLN A 61 -1.90 20.27 -4.99
N LYS A 62 -0.60 20.47 -5.26
CA LYS A 62 0.06 21.67 -4.77
C LYS A 62 -0.58 22.92 -5.35
N ILE A 63 -0.97 22.87 -6.62
CA ILE A 63 -1.65 24.02 -7.23
C ILE A 63 -2.96 24.30 -6.50
N GLN A 64 -3.71 23.26 -6.13
CA GLN A 64 -4.96 23.50 -5.38
C GLN A 64 -4.68 24.21 -4.06
N CYS A 65 -3.58 23.85 -3.39
CA CYS A 65 -3.20 24.52 -2.15
C CYS A 65 -2.94 26.00 -2.38
N THR A 66 -2.18 26.31 -3.43
CA THR A 66 -1.92 27.71 -3.76
C THR A 66 -3.20 28.43 -4.14
N LEU A 67 -4.14 27.73 -4.81
CA LEU A 67 -5.42 28.37 -5.12
C LEU A 67 -6.21 28.70 -3.86
N GLN A 68 -6.05 27.92 -2.78
CA GLN A 68 -6.66 28.31 -1.51
C GLN A 68 -6.03 29.58 -0.98
N ASP A 69 -4.70 29.71 -1.14
CA ASP A 69 -4.02 30.94 -0.76
C ASP A 69 -4.48 32.11 -1.63
N VAL A 70 -4.70 31.86 -2.92
CA VAL A 70 -5.25 32.90 -3.80
C VAL A 70 -6.62 33.34 -3.29
N GLY A 71 -7.49 32.38 -2.99
CA GLY A 71 -8.81 32.73 -2.49
C GLY A 71 -8.74 33.52 -1.20
N SER A 72 -7.83 33.14 -0.30
CA SER A 72 -7.65 33.87 0.95
C SER A 72 -7.23 35.31 0.70
N ALA A 73 -6.26 35.50 -0.20
CA ALA A 73 -5.82 36.85 -0.54
C ALA A 73 -6.96 37.67 -1.12
N LEU A 74 -7.72 37.08 -2.04
CA LEU A 74 -8.82 37.79 -2.67
C LEU A 74 -9.90 38.16 -1.66
N ALA A 75 -10.11 37.30 -0.66
CA ALA A 75 -11.08 37.56 0.40
C ALA A 75 -10.57 38.59 1.41
N THR A 76 -9.35 39.10 1.25
CA THR A 76 -8.78 40.09 2.15
C THR A 76 -8.43 41.35 1.37
N PRO A 77 -9.44 42.13 0.96
CA PRO A 77 -9.15 43.36 0.22
C PRO A 77 -8.36 44.33 1.09
N CYS A 78 -7.43 45.05 0.46
CA CYS A 78 -6.60 45.98 1.21
C CYS A 78 -7.41 47.16 1.74
N SER A 79 -8.53 47.48 1.09
CA SER A 79 -9.35 48.62 1.51
C SER A 79 -9.92 48.42 2.90
N SER A 80 -10.10 47.18 3.33
CA SER A 80 -10.58 46.88 4.67
C SER A 80 -9.61 46.02 5.47
N ALA A 81 -8.40 45.80 4.96
CA ALA A 81 -7.41 44.96 5.63
C ALA A 81 -6.96 45.59 6.94
N THR A 89 -2.87 38.80 2.39
CA THR A 89 -2.65 39.85 1.43
C THR A 89 -1.35 39.66 0.68
N THR A 90 -0.32 39.25 1.41
CA THR A 90 1.03 39.11 0.86
C THR A 90 1.12 37.77 0.12
N PHE A 91 1.01 37.82 -1.19
CA PHE A 91 1.13 36.65 -2.04
C PHE A 91 2.53 36.66 -2.65
N LYS A 92 3.39 35.75 -2.20
CA LYS A 92 4.77 35.70 -2.68
C LYS A 92 4.82 35.15 -4.09
N ALA A 93 5.89 35.52 -4.81
CA ALA A 93 6.07 35.11 -6.20
C ALA A 93 6.63 33.70 -6.35
N GLY A 94 7.02 33.05 -5.24
CA GLY A 94 7.53 31.70 -5.26
C GLY A 94 6.74 30.72 -6.12
N PRO A 95 5.42 30.64 -5.91
CA PRO A 95 4.62 29.72 -6.73
C PRO A 95 4.64 30.01 -8.22
N ILE A 96 4.84 31.28 -8.61
CA ILE A 96 4.92 31.61 -10.03
C ILE A 96 6.18 31.02 -10.63
N LEU A 97 7.30 31.18 -9.94
CA LEU A 97 8.56 30.66 -10.46
C LEU A 97 8.55 29.13 -10.50
N GLU A 98 7.87 28.47 -9.57
CA GLU A 98 7.76 27.03 -9.63
C GLU A 98 6.95 26.57 -10.84
N LEU A 99 5.84 27.26 -11.12
CA LEU A 99 5.09 26.96 -12.35
C LEU A 99 5.98 27.09 -13.58
N GLU A 100 6.83 28.12 -13.61
CA GLU A 100 7.74 28.30 -14.74
C GLU A 100 8.71 27.13 -14.88
N GLN A 101 9.25 26.66 -13.76
CA GLN A 101 10.16 25.52 -13.81
C GLN A 101 9.45 24.26 -14.31
N TRP A 102 8.20 24.07 -13.90
CA TRP A 102 7.44 22.91 -14.36
C TRP A 102 7.12 23.03 -15.85
N ILE A 103 6.68 24.21 -16.28
CA ILE A 103 6.44 24.42 -17.72
C ILE A 103 7.70 24.09 -18.52
N ASP A 104 8.85 24.57 -18.06
CA ASP A 104 10.12 24.31 -18.74
C ASP A 104 10.40 22.81 -18.81
N LYS A 105 10.13 22.09 -17.72
CA LYS A 105 10.38 20.65 -17.68
C LYS A 105 9.57 19.93 -18.75
N TYR A 106 8.27 20.22 -18.83
CA TYR A 106 7.43 19.52 -19.80
C TYR A 106 7.73 19.99 -21.22
N THR A 107 8.03 21.28 -21.38
CA THR A 107 8.36 21.81 -22.70
C THR A 107 9.59 21.11 -23.27
N SER A 108 10.56 20.77 -22.41
CA SER A 108 11.76 20.08 -22.86
C SER A 108 11.48 18.66 -23.34
N GLN A 109 10.30 18.11 -23.05
CA GLN A 109 9.94 16.77 -23.48
C GLN A 109 8.95 16.76 -24.64
N LEU A 110 8.69 17.91 -25.25
CA LEU A 110 7.69 18.03 -26.29
C LEU A 110 8.29 18.71 -27.52
N PRO A 111 7.79 18.40 -28.71
CA PRO A 111 8.16 19.17 -29.89
C PRO A 111 7.67 20.59 -29.76
N PRO A 112 8.28 21.54 -30.47
CA PRO A 112 7.71 22.89 -30.53
C PRO A 112 6.31 22.82 -31.10
N LEU A 113 5.43 23.66 -30.58
CA LEU A 113 4.06 23.67 -31.10
C LEU A 113 4.04 24.36 -32.46
N THR A 114 3.63 23.61 -33.48
CA THR A 114 3.54 24.09 -34.85
C THR A 114 2.10 24.32 -35.31
N ALA A 115 1.19 23.42 -34.95
CA ALA A 115 -0.19 23.46 -35.40
C ALA A 115 -1.07 24.05 -34.31
N PHE A 116 -2.22 24.57 -34.73
CA PHE A 116 -3.19 25.05 -33.76
C PHE A 116 -4.05 23.86 -33.33
N ILE A 117 -3.90 23.44 -32.09
CA ILE A 117 -4.65 22.31 -31.60
C ILE A 117 -5.99 22.80 -31.05
N LEU A 118 -7.00 21.97 -31.22
CA LEU A 118 -8.29 22.14 -30.56
C LEU A 118 -8.19 21.56 -29.16
N PRO A 119 -9.08 21.97 -28.25
CA PRO A 119 -9.16 21.29 -26.95
C PRO A 119 -9.48 19.83 -27.17
N SER A 120 -8.51 18.96 -26.87
CA SER A 120 -8.56 17.57 -27.28
C SER A 120 -7.37 16.83 -26.68
N GLY A 121 -7.18 15.57 -27.07
CA GLY A 121 -6.01 14.81 -26.67
C GLY A 121 -6.24 13.71 -25.66
N GLY A 122 -7.48 13.30 -25.42
CA GLY A 122 -7.81 12.32 -24.41
C GLY A 122 -8.68 12.92 -23.31
N LYS A 123 -9.24 12.03 -22.48
CA LYS A 123 -10.11 12.51 -21.41
C LYS A 123 -9.35 13.44 -20.47
N ILE A 124 -8.12 13.09 -20.11
CA ILE A 124 -7.36 13.90 -19.16
C ILE A 124 -6.94 15.22 -19.78
N SER A 125 -6.38 15.17 -21.00
CA SER A 125 -5.98 16.40 -21.66
C SER A 125 -7.18 17.33 -21.87
N SER A 126 -8.32 16.78 -22.28
CA SER A 126 -9.48 17.63 -22.51
C SER A 126 -9.98 18.23 -21.20
N ALA A 127 -9.96 17.44 -20.12
CA ALA A 127 -10.33 18.00 -18.82
C ALA A 127 -9.38 19.14 -18.44
N LEU A 128 -8.08 18.98 -18.72
CA LEU A 128 -7.12 20.04 -18.39
C LEU A 128 -7.34 21.27 -19.25
N HIS A 129 -7.73 21.11 -20.52
CA HIS A 129 -8.08 22.27 -21.34
C HIS A 129 -9.29 23.00 -20.79
N PHE A 130 -10.25 22.27 -20.23
CA PHE A 130 -11.37 22.93 -19.57
C PHE A 130 -10.90 23.70 -18.33
N CYS A 131 -10.05 23.09 -17.49
CA CYS A 131 -9.46 23.82 -16.36
C CYS A 131 -8.71 25.07 -16.83
N ARG A 132 -7.99 24.95 -17.95
CA ARG A 132 -7.29 26.10 -18.51
C ARG A 132 -8.25 27.24 -18.81
N ALA A 133 -9.40 26.92 -19.42
CA ALA A 133 -10.36 27.96 -19.76
C ALA A 133 -11.00 28.56 -18.51
N VAL A 134 -11.28 27.74 -17.50
CA VAL A 134 -11.80 28.30 -16.25
C VAL A 134 -10.73 29.16 -15.60
N CYS A 135 -9.46 28.79 -15.73
CA CYS A 135 -8.38 29.58 -15.15
C CYS A 135 -8.31 30.95 -15.80
N CYS A 136 -8.46 31.00 -17.13
CA CYS A 136 -8.51 32.29 -17.82
C CYS A 136 -9.68 33.14 -17.33
N ARG A 137 -10.82 32.50 -17.03
CA ARG A 137 -11.95 33.24 -16.47
C ARG A 137 -11.63 33.76 -15.08
N ALA A 138 -11.02 32.93 -14.22
CA ALA A 138 -10.54 33.40 -12.92
C ALA A 138 -9.61 34.60 -13.07
N GLU A 139 -8.67 34.53 -14.02
CA GLU A 139 -7.78 35.66 -14.24
C GLU A 139 -8.54 36.94 -14.54
N ARG A 140 -9.57 36.85 -15.40
CA ARG A 140 -10.34 38.05 -15.75
C ARG A 140 -11.06 38.63 -14.54
N ARG A 141 -11.43 37.79 -13.57
CA ARG A 141 -12.11 38.29 -12.38
C ARG A 141 -11.15 38.92 -11.38
N VAL A 142 -9.87 38.56 -11.41
CA VAL A 142 -8.90 39.12 -10.47
C VAL A 142 -8.31 40.42 -11.00
N VAL A 143 -8.20 40.55 -12.32
CA VAL A 143 -7.59 41.74 -12.92
C VAL A 143 -8.20 43.05 -12.40
N PRO A 144 -9.53 43.21 -12.32
CA PRO A 144 -10.04 44.49 -11.80
C PRO A 144 -9.71 44.75 -10.34
N LEU A 145 -9.59 43.70 -9.52
CA LEU A 145 -9.21 43.89 -8.13
C LEU A 145 -7.75 44.33 -8.00
N VAL A 146 -6.87 43.81 -8.87
CA VAL A 146 -5.49 44.27 -8.87
C VAL A 146 -5.40 45.69 -9.36
N GLN A 147 -6.13 46.01 -10.43
CA GLN A 147 -6.08 47.35 -11.00
C GLN A 147 -6.56 48.38 -9.99
N MET A 148 -7.51 48.01 -9.14
CA MET A 148 -7.99 48.89 -8.08
C MET A 148 -7.05 48.96 -6.88
N GLY A 149 -6.00 48.14 -6.86
CA GLY A 149 -5.12 48.08 -5.71
C GLY A 149 -5.67 47.29 -4.54
N GLU A 150 -6.71 46.49 -4.75
CA GLU A 150 -7.28 45.69 -3.67
C GLU A 150 -6.53 44.40 -3.43
N THR A 151 -5.83 43.89 -4.45
CA THR A 151 -5.22 42.57 -4.42
C THR A 151 -3.79 42.67 -4.91
N ASP A 152 -2.90 41.90 -4.27
CA ASP A 152 -1.51 41.79 -4.69
C ASP A 152 -1.42 41.41 -6.16
N ALA A 153 -0.54 42.11 -6.89
CA ALA A 153 -0.39 41.87 -8.32
C ALA A 153 0.07 40.44 -8.61
N ASN A 154 0.80 39.82 -7.69
CA ASN A 154 1.28 38.46 -7.88
C ASN A 154 0.14 37.45 -8.03
N VAL A 155 -1.05 37.77 -7.51
CA VAL A 155 -2.17 36.84 -7.65
C VAL A 155 -2.57 36.71 -9.11
N ALA A 156 -2.66 37.83 -9.82
CA ALA A 156 -3.01 37.78 -11.24
C ALA A 156 -1.90 37.14 -12.06
N LYS A 157 -0.65 37.41 -11.70
CA LYS A 157 0.46 36.79 -12.41
C LYS A 157 0.48 35.27 -12.26
N PHE A 158 0.14 34.78 -11.07
CA PHE A 158 0.07 33.34 -10.86
C PHE A 158 -1.03 32.72 -11.74
N LEU A 159 -2.19 33.36 -11.81
CA LEU A 159 -3.26 32.80 -12.64
C LEU A 159 -2.90 32.89 -14.11
N ASN A 160 -2.24 33.96 -14.53
CA ASN A 160 -1.73 34.04 -15.90
C ASN A 160 -0.81 32.86 -16.18
N ARG A 161 0.17 32.64 -15.31
CA ARG A 161 1.12 31.55 -15.54
C ARG A 161 0.43 30.19 -15.47
N LEU A 162 -0.62 30.07 -14.66
CA LEU A 162 -1.24 28.77 -14.47
C LEU A 162 -1.96 28.29 -15.74
N SER A 163 -2.57 29.20 -16.50
CA SER A 163 -3.20 28.71 -17.72
C SER A 163 -2.14 28.21 -18.71
N ASP A 164 -0.95 28.82 -18.72
CA ASP A 164 0.14 28.30 -19.53
C ASP A 164 0.55 26.90 -19.08
N TYR A 165 0.64 26.69 -17.76
CA TYR A 165 0.98 25.37 -17.25
C TYR A 165 -0.08 24.34 -17.61
N LEU A 166 -1.36 24.69 -17.47
CA LEU A 166 -2.42 23.73 -17.78
C LEU A 166 -2.43 23.39 -19.27
N PHE A 167 -2.16 24.37 -20.13
CA PHE A 167 -2.02 24.08 -21.55
C PHE A 167 -0.88 23.12 -21.81
N THR A 168 0.28 23.39 -21.22
CA THR A 168 1.45 22.56 -21.47
C THR A 168 1.25 21.15 -20.91
N LEU A 169 0.65 21.06 -19.73
CA LEU A 169 0.38 19.76 -19.12
C LEU A 169 -0.61 18.95 -19.95
N ALA A 170 -1.63 19.60 -20.52
CA ALA A 170 -2.55 18.88 -21.40
C ALA A 170 -1.80 18.27 -22.58
N ARG A 171 -0.91 19.03 -23.21
CA ARG A 171 -0.10 18.50 -24.31
C ARG A 171 0.78 17.36 -23.83
N TYR A 172 1.37 17.52 -22.64
CA TYR A 172 2.28 16.50 -22.12
C TYR A 172 1.53 15.21 -21.83
N ALA A 173 0.33 15.32 -21.25
CA ALA A 173 -0.47 14.14 -20.94
C ALA A 173 -0.88 13.39 -22.20
N ALA A 174 -1.28 14.12 -23.25
CA ALA A 174 -1.63 13.47 -24.50
C ALA A 174 -0.44 12.71 -25.08
N MET A 175 0.74 13.30 -24.99
N MET A 175 0.74 13.31 -25.02
CA MET A 175 1.93 12.66 -25.54
CA MET A 175 1.94 12.66 -25.55
C MET A 175 2.31 11.41 -24.75
C MET A 175 2.25 11.38 -24.76
N LYS A 176 2.16 11.45 -23.43
CA LYS A 176 2.51 10.28 -22.62
C LYS A 176 1.53 9.13 -22.84
N GLU A 177 0.26 9.44 -23.09
CA GLU A 177 -0.76 8.43 -23.35
C GLU A 177 -0.76 7.94 -24.78
N GLY A 178 -0.03 8.58 -25.68
CA GLY A 178 -0.07 8.21 -27.08
C GLY A 178 -1.37 8.59 -27.77
N ASN A 179 -1.99 9.70 -27.36
CA ASN A 179 -3.23 10.17 -27.95
C ASN A 179 -2.95 11.21 -29.03
N GLN A 180 -3.83 11.23 -30.03
CA GLN A 180 -3.72 12.17 -31.13
C GLN A 180 -4.58 13.40 -30.82
N GLU A 181 -3.93 14.55 -30.66
CA GLU A 181 -4.66 15.80 -30.52
C GLU A 181 -5.25 16.21 -31.87
N LYS A 182 -6.40 16.88 -31.82
CA LYS A 182 -7.04 17.35 -33.04
C LYS A 182 -6.55 18.75 -33.36
N ILE A 183 -6.41 19.04 -34.64
CA ILE A 183 -5.88 20.32 -35.08
C ILE A 183 -6.97 21.08 -35.82
N TYR A 184 -6.83 22.40 -35.84
CA TYR A 184 -7.76 23.24 -36.56
C TYR A 184 -7.73 22.93 -38.06
N MET A 185 -8.91 22.85 -38.65
CA MET A 185 -9.08 22.79 -40.10
C MET A 185 -10.25 23.69 -40.46
N LYS A 186 -10.11 24.44 -41.56
CA LYS A 186 -11.17 25.36 -41.95
C LYS A 186 -12.45 24.60 -42.29
N ASN A 187 -13.54 24.97 -41.63
CA ASN A 187 -14.86 24.40 -41.88
C ASN A 187 -15.65 25.40 -42.73
N ASP A 188 -15.90 25.05 -43.98
CA ASP A 188 -16.48 25.96 -44.96
C ASP A 188 -17.53 25.23 -45.78
N PRO A 189 -18.65 24.85 -45.13
CA PRO A 189 -19.64 24.00 -45.83
C PRO A 189 -20.30 24.69 -47.01
N SER A 190 -20.32 26.02 -47.07
CA SER A 190 -20.97 26.72 -48.16
C SER A 190 -19.98 27.33 -49.14
N ALA A 191 -18.69 26.98 -49.05
CA ALA A 191 -17.67 27.47 -49.97
C ALA A 191 -17.66 29.00 -50.04
N GLU A 192 -17.64 29.62 -48.86
CA GLU A 192 -17.65 31.07 -48.73
C GLU A 192 -16.29 31.66 -48.40
N SER A 193 -15.33 30.84 -47.98
CA SER A 193 -14.01 31.35 -47.63
C SER A 193 -13.31 31.87 -48.89
N GLU A 194 -12.58 32.97 -48.72
CA GLU A 194 -11.77 33.53 -49.79
C GLU A 194 -10.30 33.23 -49.63
N GLY A 195 -9.79 33.23 -48.39
CA GLY A 195 -8.40 32.94 -48.12
C GLY A 195 -8.09 32.94 -46.64
N PRO B 2 53.97 -14.81 1.75
CA PRO B 2 52.84 -15.38 1.00
C PRO B 2 51.67 -14.42 0.86
N LYS B 3 51.04 -14.43 -0.31
CA LYS B 3 49.85 -13.61 -0.51
C LYS B 3 48.67 -14.20 0.25
N ILE B 4 47.70 -13.35 0.58
CA ILE B 4 46.51 -13.82 1.28
C ILE B 4 45.72 -14.79 0.39
N TYR B 5 45.74 -14.57 -0.93
CA TYR B 5 45.07 -15.48 -1.86
C TYR B 5 46.06 -16.58 -2.22
N THR B 6 45.91 -17.74 -1.59
CA THR B 6 46.76 -18.89 -1.89
C THR B 6 46.31 -19.62 -3.14
N LYS B 7 45.04 -19.45 -3.52
CA LYS B 7 44.35 -20.12 -4.61
C LYS B 7 44.11 -21.60 -4.34
N THR B 8 44.46 -22.11 -3.15
CA THR B 8 44.13 -23.49 -2.84
C THR B 8 42.64 -23.71 -2.65
N GLY B 9 41.85 -22.64 -2.56
CA GLY B 9 40.41 -22.73 -2.56
C GLY B 9 39.73 -22.49 -3.90
N ASP B 10 40.50 -22.32 -4.99
CA ASP B 10 39.94 -21.92 -6.27
C ASP B 10 39.23 -23.05 -7.00
N LYS B 11 39.33 -24.30 -6.52
CA LYS B 11 38.63 -25.42 -7.12
C LYS B 11 37.40 -25.84 -6.31
N GLY B 12 37.01 -25.07 -5.31
CA GLY B 12 35.78 -25.35 -4.59
C GLY B 12 35.96 -26.18 -3.34
N PHE B 13 37.20 -26.42 -2.91
CA PHE B 13 37.49 -27.22 -1.72
C PHE B 13 38.30 -26.37 -0.76
N SER B 14 38.23 -26.74 0.52
CA SER B 14 39.02 -26.03 1.52
C SER B 14 39.39 -27.02 2.62
N SER B 15 40.17 -26.54 3.58
CA SER B 15 40.72 -27.39 4.64
C SER B 15 40.00 -27.10 5.95
N THR B 16 39.60 -28.16 6.66
CA THR B 16 39.20 -28.00 8.04
C THR B 16 40.45 -27.80 8.92
N PHE B 17 40.24 -27.54 10.20
CA PHE B 17 41.38 -27.41 11.09
C PHE B 17 42.04 -28.76 11.38
N THR B 18 41.40 -29.87 11.05
CA THR B 18 42.04 -31.18 11.11
C THR B 18 42.89 -31.45 9.87
N GLY B 19 42.87 -30.57 8.89
CA GLY B 19 43.57 -30.78 7.64
C GLY B 19 42.77 -31.52 6.59
N GLU B 20 41.58 -31.99 6.93
CA GLU B 20 40.73 -32.69 5.97
C GLU B 20 40.25 -31.74 4.90
N ARG B 21 40.29 -32.19 3.64
CA ARG B 21 39.72 -31.44 2.52
C ARG B 21 38.24 -31.78 2.39
N ARG B 22 37.41 -30.74 2.28
CA ARG B 22 35.97 -30.88 2.06
C ARG B 22 35.53 -29.87 1.02
N PRO B 23 34.46 -30.17 0.26
CA PRO B 23 33.88 -29.14 -0.60
C PRO B 23 33.39 -27.95 0.22
N LYS B 24 33.45 -26.76 -0.37
CA LYS B 24 33.13 -25.57 0.40
C LYS B 24 31.66 -25.50 0.80
N ASP B 25 30.77 -26.24 0.14
CA ASP B 25 29.37 -26.28 0.55
C ASP B 25 29.10 -27.33 1.62
N ASP B 26 30.14 -27.99 2.12
CA ASP B 26 29.96 -28.97 3.20
C ASP B 26 29.32 -28.32 4.44
N GLN B 27 28.55 -29.13 5.17
CA GLN B 27 27.88 -28.61 6.37
C GLN B 27 28.87 -27.99 7.37
N VAL B 28 30.10 -28.50 7.42
CA VAL B 28 31.09 -27.90 8.33
C VAL B 28 31.32 -26.43 7.97
N PHE B 29 31.53 -26.15 6.68
CA PHE B 29 31.82 -24.78 6.31
C PHE B 29 30.58 -23.90 6.35
N GLU B 30 29.41 -24.50 6.14
CA GLU B 30 28.19 -23.72 6.34
C GLU B 30 28.06 -23.27 7.79
N ALA B 31 28.40 -24.14 8.74
CA ALA B 31 28.32 -23.76 10.15
C ALA B 31 29.43 -22.77 10.50
N VAL B 32 30.65 -23.00 10.03
CA VAL B 32 31.73 -22.05 10.29
C VAL B 32 31.40 -20.69 9.70
N GLY B 33 30.91 -20.68 8.47
CA GLY B 33 30.65 -19.42 7.80
C GLY B 33 29.52 -18.64 8.46
N THR B 34 28.47 -19.34 8.88
CA THR B 34 27.35 -18.62 9.50
C THR B 34 27.71 -18.10 10.89
N THR B 35 28.60 -18.81 11.60
CA THR B 35 29.11 -18.29 12.86
C THR B 35 29.93 -17.03 12.65
N ASP B 36 30.74 -17.01 11.59
CA ASP B 36 31.49 -15.81 11.21
C ASP B 36 30.55 -14.68 10.83
N GLU B 37 29.46 -15.01 10.12
CA GLU B 37 28.49 -13.99 9.75
C GLU B 37 27.86 -13.38 10.99
N LEU B 38 27.49 -14.23 11.97
CA LEU B 38 27.00 -13.75 13.26
C LEU B 38 28.01 -12.85 13.95
N SER B 39 29.28 -13.28 14.03
CA SER B 39 30.27 -12.45 14.71
C SER B 39 30.43 -11.11 14.02
N SER B 40 30.34 -11.11 12.68
CA SER B 40 30.50 -9.85 11.93
C SER B 40 29.31 -8.95 12.16
N ALA B 41 28.10 -9.51 12.24
CA ALA B 41 26.92 -8.70 12.52
C ALA B 41 27.02 -8.08 13.90
N ILE B 42 27.52 -8.86 14.88
CA ILE B 42 27.72 -8.31 16.22
C ILE B 42 28.77 -7.22 16.20
N GLY B 43 29.83 -7.38 15.40
CA GLY B 43 30.84 -6.34 15.29
C GLY B 43 30.27 -5.01 14.82
N PHE B 44 29.35 -5.06 13.86
CA PHE B 44 28.73 -3.81 13.41
C PHE B 44 27.84 -3.22 14.50
N ALA B 45 27.04 -4.05 15.17
CA ALA B 45 26.23 -3.56 16.28
C ALA B 45 27.11 -2.94 17.37
N LEU B 46 28.26 -3.55 17.63
CA LEU B 46 29.22 -3.03 18.60
C LEU B 46 29.63 -1.60 18.26
N GLU B 47 29.79 -1.30 16.97
CA GLU B 47 30.20 0.04 16.58
C GLU B 47 29.11 1.06 16.89
N LEU B 48 27.85 0.65 16.84
CA LEU B 48 26.77 1.54 17.24
C LEU B 48 26.71 1.67 18.77
N VAL B 49 27.04 0.59 19.48
CA VAL B 49 27.00 0.59 20.93
C VAL B 49 28.07 1.51 21.49
N THR B 50 29.32 1.31 21.04
CA THR B 50 30.42 2.17 21.46
C THR B 50 30.19 3.62 21.07
N GLU B 51 29.35 3.89 20.07
CA GLU B 51 29.19 5.25 19.55
C GLU B 51 28.42 6.14 20.52
N LYS B 52 27.49 5.58 21.30
CA LYS B 52 26.80 6.38 22.31
C LYS B 52 26.98 5.81 23.72
N GLY B 53 28.04 5.03 23.95
CA GLY B 53 28.52 4.78 25.28
C GLY B 53 27.72 3.82 26.13
N HIS B 54 27.05 2.85 25.51
CA HIS B 54 26.41 1.80 26.28
C HIS B 54 27.48 1.01 27.05
N THR B 55 27.06 0.38 28.15
CA THR B 55 27.99 -0.29 29.04
C THR B 55 28.43 -1.66 28.54
N PHE B 56 27.70 -2.27 27.61
CA PHE B 56 27.83 -3.69 27.34
C PHE B 56 28.71 -3.99 26.13
N ALA B 57 29.48 -3.02 25.66
CA ALA B 57 30.40 -3.28 24.55
C ALA B 57 31.38 -4.38 24.89
N GLU B 58 31.86 -4.41 26.13
CA GLU B 58 32.83 -5.43 26.53
C GLU B 58 32.22 -6.83 26.45
N GLU B 59 30.95 -6.97 26.81
CA GLU B 59 30.28 -8.26 26.73
C GLU B 59 30.21 -8.75 25.29
N LEU B 60 29.84 -7.87 24.36
CA LEU B 60 29.73 -8.28 22.96
C LEU B 60 31.10 -8.68 22.41
N GLN B 61 32.15 -7.98 22.83
CA GLN B 61 33.48 -8.35 22.37
C GLN B 61 33.91 -9.71 22.93
N LYS B 62 33.58 -9.98 24.19
CA LYS B 62 33.86 -11.30 24.75
C LYS B 62 33.09 -12.38 24.01
N ILE B 63 31.84 -12.09 23.64
CA ILE B 63 31.05 -13.03 22.84
C ILE B 63 31.72 -13.29 21.50
N GLN B 64 32.27 -12.24 20.86
CA GLN B 64 32.97 -12.46 19.59
C GLN B 64 34.16 -13.40 19.78
N CYS B 65 34.88 -13.27 20.88
CA CYS B 65 35.97 -14.19 21.19
C CYS B 65 35.46 -15.63 21.27
N THR B 66 34.37 -15.84 22.00
CA THR B 66 33.81 -17.19 22.09
C THR B 66 33.33 -17.69 20.74
N LEU B 67 32.82 -16.80 19.89
CA LEU B 67 32.39 -17.25 18.57
C LEU B 67 33.57 -17.69 17.72
N GLN B 68 34.76 -17.09 17.92
CA GLN B 68 35.95 -17.63 17.29
C GLN B 68 36.24 -19.03 17.79
N ASP B 69 36.04 -19.27 19.09
CA ASP B 69 36.19 -20.62 19.64
C ASP B 69 35.13 -21.57 19.07
N VAL B 70 33.91 -21.08 18.90
CA VAL B 70 32.85 -21.87 18.26
C VAL B 70 33.27 -22.27 16.86
N GLY B 71 33.73 -21.28 16.07
CA GLY B 71 34.14 -21.58 14.71
C GLY B 71 35.28 -22.58 14.65
N SER B 72 36.25 -22.45 15.57
CA SER B 72 37.37 -23.39 15.60
C SER B 72 36.89 -24.80 15.92
N ALA B 73 35.98 -24.94 16.88
CA ALA B 73 35.42 -26.26 17.19
C ALA B 73 34.67 -26.82 15.99
N LEU B 74 33.84 -26.01 15.34
CA LEU B 74 33.10 -26.46 14.17
C LEU B 74 34.05 -26.92 13.07
N ALA B 75 35.17 -26.22 12.89
CA ALA B 75 36.18 -26.57 11.90
C ALA B 75 37.02 -27.77 12.30
N THR B 76 36.70 -28.43 13.42
CA THR B 76 37.44 -29.61 13.88
C THR B 76 36.46 -30.77 14.00
N PRO B 77 35.94 -31.28 12.88
CA PRO B 77 34.97 -32.38 12.97
C PRO B 77 35.61 -33.64 13.54
N CYS B 78 34.84 -34.32 14.39
CA CYS B 78 35.32 -35.51 15.07
CA CYS B 78 35.36 -35.49 15.06
C CYS B 78 35.73 -36.60 14.09
N SER B 79 35.05 -36.70 12.94
CA SER B 79 35.31 -37.81 12.02
C SER B 79 36.73 -37.78 11.45
N SER B 80 37.36 -36.61 11.39
CA SER B 80 38.73 -36.53 10.90
C SER B 80 39.68 -35.96 11.94
N ALA B 81 39.24 -35.82 13.18
CA ALA B 81 40.09 -35.25 14.22
C ALA B 81 41.18 -36.25 14.59
N ARG B 82 42.43 -35.80 14.55
CA ARG B 82 43.51 -36.60 15.10
C ARG B 82 43.47 -36.56 16.61
N GLU B 83 44.21 -37.47 17.24
CA GLU B 83 44.22 -37.52 18.70
C GLU B 83 44.70 -36.20 19.29
N ALA B 84 45.71 -35.58 18.66
CA ALA B 84 46.09 -34.22 19.01
C ALA B 84 44.93 -33.26 18.79
N HIS B 85 44.42 -33.22 17.55
CA HIS B 85 43.32 -32.34 17.20
C HIS B 85 42.08 -32.60 18.03
N LEU B 86 42.02 -33.71 18.78
CA LEU B 86 40.86 -33.99 19.62
C LEU B 86 40.70 -32.94 20.72
N LYS B 87 41.80 -32.55 21.36
CA LYS B 87 41.72 -31.53 22.40
C LYS B 87 41.26 -30.19 21.85
N TYR B 88 41.15 -30.04 20.52
CA TYR B 88 40.57 -28.87 19.90
C TYR B 88 39.08 -29.03 19.61
N THR B 89 38.51 -30.22 19.84
CA THR B 89 37.07 -30.40 19.71
C THR B 89 36.32 -30.00 20.98
N THR B 90 37.01 -29.94 22.13
CA THR B 90 36.34 -29.70 23.40
C THR B 90 35.90 -28.25 23.50
N PHE B 91 34.61 -28.04 23.75
CA PHE B 91 34.04 -26.73 23.99
C PHE B 91 33.41 -26.75 25.39
N LYS B 92 34.02 -26.04 26.32
CA LYS B 92 33.58 -26.04 27.71
C LYS B 92 32.31 -25.22 27.89
N ALA B 93 31.57 -25.53 28.96
CA ALA B 93 30.27 -24.94 29.20
C ALA B 93 30.35 -23.57 29.88
N GLY B 94 31.54 -23.17 30.34
CA GLY B 94 31.75 -21.90 31.01
C GLY B 94 31.04 -20.71 30.39
N PRO B 95 31.24 -20.48 29.09
CA PRO B 95 30.57 -19.33 28.45
C PRO B 95 29.05 -19.42 28.47
N ILE B 96 28.47 -20.63 28.47
CA ILE B 96 27.02 -20.71 28.53
C ILE B 96 26.51 -20.17 29.86
N LEU B 97 27.14 -20.55 30.97
CA LEU B 97 26.71 -20.06 32.27
C LEU B 97 26.90 -18.55 32.38
N GLU B 98 27.95 -18.01 31.75
CA GLU B 98 28.17 -16.58 31.81
C GLU B 98 27.06 -15.84 31.08
N LEU B 99 26.63 -16.36 29.93
CA LEU B 99 25.47 -15.78 29.25
C LEU B 99 24.25 -15.78 30.15
N GLU B 100 24.00 -16.89 30.84
CA GLU B 100 22.85 -16.95 31.74
C GLU B 100 22.94 -15.91 32.84
N GLN B 101 24.14 -15.69 33.39
CA GLN B 101 24.30 -14.68 34.42
C GLN B 101 24.01 -13.28 33.88
N TRP B 102 24.47 -13.00 32.65
CA TRP B 102 24.20 -11.70 32.05
C TRP B 102 22.71 -11.53 31.74
N ILE B 103 22.07 -12.58 31.22
CA ILE B 103 20.63 -12.52 30.96
C ILE B 103 19.89 -12.20 32.26
N ASP B 104 20.25 -12.87 33.35
CA ASP B 104 19.62 -12.62 34.64
C ASP B 104 19.82 -11.18 35.08
N LYS B 105 21.01 -10.63 34.84
CA LYS B 105 21.30 -9.25 35.21
C LYS B 105 20.36 -8.27 34.53
N TYR B 106 20.24 -8.36 33.20
CA TYR B 106 19.39 -7.42 32.48
C TYR B 106 17.91 -7.70 32.75
N THR B 107 17.54 -8.97 32.88
CA THR B 107 16.17 -9.32 33.23
C THR B 107 15.76 -8.65 34.55
N SER B 108 16.70 -8.52 35.50
CA SER B 108 16.45 -7.83 36.76
C SER B 108 15.90 -6.42 36.55
N GLN B 109 16.33 -5.76 35.48
CA GLN B 109 16.12 -4.35 35.27
C GLN B 109 15.01 -4.06 34.27
N LEU B 110 14.28 -5.08 33.85
CA LEU B 110 13.25 -4.93 32.83
C LEU B 110 11.92 -5.47 33.33
N PRO B 111 10.82 -4.89 32.87
CA PRO B 111 9.51 -5.50 33.14
C PRO B 111 9.40 -6.83 32.42
N PRO B 112 8.47 -7.70 32.83
CA PRO B 112 8.24 -8.92 32.06
C PRO B 112 7.66 -8.59 30.70
N LEU B 113 7.93 -9.47 29.74
CA LEU B 113 7.35 -9.32 28.41
C LEU B 113 5.86 -9.62 28.47
N THR B 114 5.04 -8.61 28.16
CA THR B 114 3.59 -8.77 28.15
C THR B 114 2.96 -8.58 26.77
N ALA B 115 3.64 -7.91 25.85
CA ALA B 115 3.19 -7.83 24.47
C ALA B 115 4.29 -8.36 23.56
N PHE B 116 3.88 -8.81 22.37
CA PHE B 116 4.83 -9.26 21.37
C PHE B 116 5.46 -8.04 20.71
N ILE B 117 6.75 -7.84 20.90
CA ILE B 117 7.40 -6.70 20.28
C ILE B 117 7.83 -7.08 18.86
N LEU B 118 7.86 -6.09 18.01
CA LEU B 118 8.47 -6.17 16.69
C LEU B 118 9.95 -5.84 16.80
N PRO B 119 10.79 -6.31 15.86
CA PRO B 119 12.18 -5.84 15.83
C PRO B 119 12.22 -4.33 15.71
N SER B 120 12.67 -3.66 16.77
CA SER B 120 12.42 -2.24 16.95
C SER B 120 13.26 -1.76 18.12
N GLY B 121 13.06 -0.50 18.51
CA GLY B 121 13.61 0.03 19.75
C GLY B 121 14.81 0.93 19.62
N GLY B 122 15.14 1.39 18.42
CA GLY B 122 16.31 2.22 18.20
C GLY B 122 17.35 1.51 17.36
N LYS B 123 18.36 2.29 16.98
CA LYS B 123 19.39 1.76 16.08
C LYS B 123 20.10 0.56 16.69
N ILE B 124 20.56 0.68 17.93
CA ILE B 124 21.28 -0.42 18.59
C ILE B 124 20.38 -1.62 18.79
N SER B 125 19.16 -1.38 19.31
N SER B 125 19.15 -1.39 19.28
CA SER B 125 18.23 -2.48 19.58
CA SER B 125 18.23 -2.50 19.51
C SER B 125 17.85 -3.22 18.32
C SER B 125 17.88 -3.23 18.23
N SER B 126 17.58 -2.49 17.23
N SER B 126 17.55 -2.49 17.17
CA SER B 126 17.21 -3.15 15.98
CA SER B 126 17.20 -3.13 15.92
C SER B 126 18.38 -3.93 15.41
C SER B 126 18.38 -3.90 15.34
N ALA B 127 19.60 -3.39 15.52
CA ALA B 127 20.78 -4.13 15.08
C ALA B 127 20.92 -5.43 15.83
N LEU B 128 20.65 -5.39 17.15
CA LEU B 128 20.78 -6.59 17.97
C LEU B 128 19.69 -7.60 17.64
N HIS B 129 18.50 -7.15 17.23
CA HIS B 129 17.48 -8.09 16.78
C HIS B 129 17.89 -8.76 15.48
N PHE B 130 18.56 -8.04 14.59
CA PHE B 130 19.10 -8.68 13.40
C PHE B 130 20.18 -9.70 13.77
N CYS B 131 21.10 -9.35 14.68
CA CYS B 131 22.06 -10.32 15.18
C CYS B 131 21.38 -11.54 15.76
N ARG B 132 20.30 -11.33 16.51
CA ARG B 132 19.55 -12.44 17.10
C ARG B 132 19.06 -13.40 16.02
N ALA B 133 18.51 -12.85 14.94
CA ALA B 133 18.04 -13.69 13.84
C ALA B 133 19.18 -14.45 13.18
N VAL B 134 20.32 -13.77 12.94
CA VAL B 134 21.47 -14.47 12.38
C VAL B 134 21.95 -15.56 13.34
N CYS B 135 21.86 -15.30 14.65
CA CYS B 135 22.26 -16.31 15.63
C CYS B 135 21.36 -17.55 15.55
N CYS B 136 20.04 -17.34 15.40
CA CYS B 136 19.15 -18.48 15.22
C CYS B 136 19.49 -19.27 13.96
N ARG B 137 19.90 -18.59 12.89
CA ARG B 137 20.34 -19.29 11.69
C ARG B 137 21.62 -20.08 11.94
N ALA B 138 22.60 -19.47 12.63
CA ALA B 138 23.80 -20.21 12.99
C ALA B 138 23.47 -21.46 13.83
N GLU B 139 22.50 -21.34 14.75
CA GLU B 139 22.10 -22.50 15.54
C GLU B 139 21.56 -23.61 14.65
N ARG B 140 20.74 -23.26 13.66
CA ARG B 140 20.20 -24.26 12.77
C ARG B 140 21.30 -24.97 11.97
N ARG B 141 22.39 -24.27 11.67
CA ARG B 141 23.49 -24.89 10.93
C ARG B 141 24.36 -25.80 11.80
N VAL B 142 24.38 -25.57 13.12
CA VAL B 142 25.20 -26.39 14.00
C VAL B 142 24.46 -27.66 14.45
N VAL B 143 23.14 -27.58 14.55
CA VAL B 143 22.36 -28.71 15.05
C VAL B 143 22.63 -30.01 14.29
N PRO B 144 22.67 -30.04 12.95
CA PRO B 144 22.94 -31.33 12.29
C PRO B 144 24.34 -31.87 12.58
N LEU B 145 25.33 -31.01 12.79
CA LEU B 145 26.68 -31.47 13.14
C LEU B 145 26.69 -32.10 14.54
N VAL B 146 25.95 -31.51 15.47
CA VAL B 146 25.87 -32.08 16.81
C VAL B 146 25.14 -33.41 16.75
N GLN B 147 24.00 -33.46 16.05
CA GLN B 147 23.21 -34.67 16.04
C GLN B 147 23.92 -35.80 15.30
N MET B 148 24.89 -35.49 14.43
CA MET B 148 25.73 -36.48 13.78
C MET B 148 26.94 -36.91 14.61
N GLY B 149 27.22 -36.22 15.72
CA GLY B 149 28.41 -36.51 16.49
C GLY B 149 29.69 -35.87 15.98
N GLU B 150 29.60 -34.92 15.05
CA GLU B 150 30.80 -34.23 14.59
C GLU B 150 31.24 -33.12 15.54
N THR B 151 30.31 -32.55 16.31
CA THR B 151 30.55 -31.32 17.08
C THR B 151 30.02 -31.48 18.50
N ASP B 152 30.76 -30.92 19.46
CA ASP B 152 30.36 -30.89 20.87
C ASP B 152 28.98 -30.27 21.04
N ALA B 153 28.11 -30.94 21.82
CA ALA B 153 26.75 -30.44 22.02
C ALA B 153 26.73 -29.07 22.67
N ASN B 154 27.77 -28.73 23.45
CA ASN B 154 27.80 -27.42 24.10
C ASN B 154 27.88 -26.27 23.10
N VAL B 155 28.33 -26.52 21.87
CA VAL B 155 28.34 -25.48 20.85
C VAL B 155 26.92 -25.05 20.51
N ALA B 156 26.02 -26.02 20.31
CA ALA B 156 24.63 -25.68 20.02
C ALA B 156 23.97 -25.02 21.23
N LYS B 157 24.28 -25.50 22.44
CA LYS B 157 23.75 -24.90 23.65
C LYS B 157 24.15 -23.44 23.76
N PHE B 158 25.43 -23.12 23.45
CA PHE B 158 25.86 -21.74 23.49
C PHE B 158 25.06 -20.88 22.52
N LEU B 159 24.89 -21.34 21.27
CA LEU B 159 24.17 -20.51 20.30
C LEU B 159 22.70 -20.36 20.68
N ASN B 160 22.09 -21.43 21.23
CA ASN B 160 20.73 -21.31 21.77
C ASN B 160 20.66 -20.22 22.81
N ARG B 161 21.57 -20.24 23.78
CA ARG B 161 21.53 -19.24 24.84
C ARG B 161 21.83 -17.85 24.31
N LEU B 162 22.70 -17.77 23.30
CA LEU B 162 23.12 -16.47 22.80
C LEU B 162 21.96 -15.70 22.17
N SER B 163 21.03 -16.39 21.49
CA SER B 163 19.88 -15.69 20.92
CA SER B 163 19.92 -15.63 20.93
C SER B 163 19.01 -15.09 22.02
N ASP B 164 18.87 -15.79 23.15
CA ASP B 164 18.14 -15.24 24.30
C ASP B 164 18.86 -14.02 24.85
N TYR B 165 20.19 -14.07 24.90
CA TYR B 165 20.95 -12.93 25.40
C TYR B 165 20.78 -11.73 24.47
N LEU B 166 20.87 -11.95 23.15
CA LEU B 166 20.73 -10.84 22.21
C LEU B 166 19.33 -10.24 22.26
N PHE B 167 18.30 -11.07 22.43
CA PHE B 167 16.94 -10.56 22.60
C PHE B 167 16.84 -9.68 23.85
N THR B 168 17.33 -10.20 24.98
CA THR B 168 17.28 -9.45 26.23
C THR B 168 18.08 -8.17 26.15
N LEU B 169 19.25 -8.23 25.51
CA LEU B 169 20.09 -7.05 25.41
C LEU B 169 19.42 -5.97 24.55
N ALA B 170 18.74 -6.38 23.48
CA ALA B 170 18.01 -5.42 22.65
C ALA B 170 16.96 -4.68 23.47
N ARG B 171 16.20 -5.42 24.28
CA ARG B 171 15.18 -4.78 25.12
C ARG B 171 15.83 -3.84 26.13
N TYR B 172 16.96 -4.28 26.71
CA TYR B 172 17.66 -3.45 27.69
C TYR B 172 18.17 -2.16 27.06
N ALA B 173 18.71 -2.24 25.84
CA ALA B 173 19.22 -1.05 25.17
C ALA B 173 18.10 -0.06 24.88
N ALA B 174 16.95 -0.55 24.41
CA ALA B 174 15.82 0.33 24.15
C ALA B 174 15.36 1.00 25.44
N MET B 175 15.30 0.25 26.54
CA MET B 175 14.89 0.82 27.81
C MET B 175 15.87 1.90 28.27
N LYS B 176 17.17 1.64 28.13
CA LYS B 176 18.16 2.61 28.60
C LYS B 176 18.15 3.88 27.77
N GLU B 177 17.87 3.77 26.46
CA GLU B 177 17.77 4.93 25.60
C GLU B 177 16.45 5.66 25.72
N GLY B 178 15.46 5.07 26.39
CA GLY B 178 14.14 5.67 26.43
C GLY B 178 13.40 5.60 25.12
N ASN B 179 13.63 4.55 24.32
CA ASN B 179 12.97 4.40 23.03
C ASN B 179 11.80 3.45 23.16
N GLN B 180 10.69 3.80 22.50
CA GLN B 180 9.49 2.98 22.53
C GLN B 180 9.61 1.87 21.50
N GLU B 181 9.61 0.63 21.97
CA GLU B 181 9.52 -0.50 21.06
C GLU B 181 8.15 -0.56 20.41
N LYS B 182 8.11 -1.07 19.19
CA LYS B 182 6.85 -1.26 18.49
C LYS B 182 6.29 -2.64 18.83
N ILE B 183 4.96 -2.73 18.89
CA ILE B 183 4.31 -3.97 19.29
C ILE B 183 3.42 -4.46 18.16
N TYR B 184 3.20 -5.76 18.16
CA TYR B 184 2.35 -6.36 17.14
C TYR B 184 0.92 -5.86 17.26
N MET B 185 0.29 -5.62 16.11
CA MET B 185 -1.13 -5.33 16.02
C MET B 185 -1.73 -6.17 14.90
N LYS B 186 -2.89 -6.76 15.16
CA LYS B 186 -3.57 -7.52 14.11
C LYS B 186 -3.94 -6.60 12.95
N ASN B 187 -4.09 -7.20 11.77
CA ASN B 187 -4.39 -6.45 10.55
C ASN B 187 -5.68 -5.67 10.67
N PRO C 2 3.67 -2.62 -18.34
CA PRO C 2 3.23 -3.74 -17.51
C PRO C 2 3.63 -3.57 -16.05
N LYS C 3 2.79 -4.05 -15.12
CA LYS C 3 3.13 -3.99 -13.71
C LYS C 3 4.38 -4.83 -13.42
N ILE C 4 5.17 -4.38 -12.44
CA ILE C 4 6.35 -5.14 -12.01
C ILE C 4 5.96 -6.51 -11.49
N TYR C 5 4.75 -6.63 -10.91
CA TYR C 5 4.27 -7.89 -10.35
C TYR C 5 3.48 -8.61 -11.45
N THR C 6 4.17 -9.48 -12.18
CA THR C 6 3.53 -10.27 -13.23
C THR C 6 2.68 -11.39 -12.67
N LYS C 7 2.94 -11.79 -11.43
CA LYS C 7 2.35 -12.94 -10.74
C LYS C 7 2.73 -14.27 -11.36
N THR C 8 3.61 -14.29 -12.38
CA THR C 8 4.05 -15.56 -12.93
C THR C 8 4.93 -16.33 -11.94
N GLY C 9 5.48 -15.67 -10.92
CA GLY C 9 6.22 -16.34 -9.86
C GLY C 9 5.38 -16.73 -8.65
N ASP C 10 4.07 -16.52 -8.69
CA ASP C 10 3.24 -16.73 -7.51
C ASP C 10 3.07 -18.20 -7.15
N LYS C 11 3.37 -19.12 -8.06
CA LYS C 11 3.23 -20.53 -7.77
C LYS C 11 4.58 -21.21 -7.54
N GLY C 12 5.62 -20.42 -7.28
CA GLY C 12 6.88 -20.96 -6.80
C GLY C 12 7.88 -21.32 -7.87
N PHE C 13 7.66 -20.89 -9.11
CA PHE C 13 8.58 -21.12 -10.20
C PHE C 13 9.08 -19.80 -10.75
N SER C 14 10.25 -19.84 -11.38
CA SER C 14 10.79 -18.65 -12.02
C SER C 14 11.60 -19.07 -13.24
N SER C 15 12.04 -18.08 -14.01
CA SER C 15 12.69 -18.31 -15.30
C SER C 15 14.20 -18.12 -15.21
N THR C 16 14.94 -18.98 -15.91
CA THR C 16 16.35 -18.72 -16.16
C THR C 16 16.51 -17.90 -17.44
N PHE C 17 17.72 -17.40 -17.66
CA PHE C 17 18.00 -16.66 -18.89
C PHE C 17 17.98 -17.55 -20.12
N THR C 18 18.11 -18.87 -19.94
CA THR C 18 18.06 -19.80 -21.07
C THR C 18 16.64 -20.19 -21.44
N GLY C 19 15.63 -19.76 -20.67
CA GLY C 19 14.25 -20.09 -20.98
C GLY C 19 13.68 -21.22 -20.16
N GLU C 20 14.47 -21.85 -19.30
CA GLU C 20 13.97 -22.87 -18.39
C GLU C 20 13.07 -22.25 -17.32
N ARG C 21 12.07 -23.01 -16.90
CA ARG C 21 11.35 -22.72 -15.66
C ARG C 21 11.82 -23.71 -14.60
N ARG C 22 12.23 -23.20 -13.45
CA ARG C 22 12.65 -24.04 -12.33
C ARG C 22 11.97 -23.57 -11.05
N PRO C 23 11.81 -24.46 -10.07
CA PRO C 23 11.31 -24.02 -8.75
C PRO C 23 12.26 -23.00 -8.15
N LYS C 24 11.67 -22.07 -7.39
CA LYS C 24 12.47 -20.96 -6.83
C LYS C 24 13.50 -21.43 -5.80
N ASP C 25 13.37 -22.63 -5.24
CA ASP C 25 14.39 -23.12 -4.33
C ASP C 25 15.50 -23.90 -5.04
N ASP C 26 15.47 -23.93 -6.37
CA ASP C 26 16.54 -24.55 -7.12
C ASP C 26 17.89 -23.90 -6.80
N GLN C 27 18.97 -24.68 -6.87
N GLN C 27 18.96 -24.69 -6.87
CA GLN C 27 20.28 -24.16 -6.53
CA GLN C 27 20.29 -24.19 -6.56
C GLN C 27 20.66 -22.96 -7.40
C GLN C 27 20.65 -22.97 -7.40
N VAL C 28 20.14 -22.88 -8.64
CA VAL C 28 20.44 -21.72 -9.48
C VAL C 28 19.95 -20.44 -8.82
N PHE C 29 18.70 -20.43 -8.31
CA PHE C 29 18.17 -19.22 -7.71
C PHE C 29 18.75 -18.96 -6.33
N GLU C 30 19.15 -20.02 -5.61
CA GLU C 30 19.89 -19.81 -4.37
C GLU C 30 21.18 -19.05 -4.63
N ALA C 31 21.87 -19.39 -5.71
CA ALA C 31 23.12 -18.71 -6.04
C ALA C 31 22.86 -17.29 -6.55
N VAL C 32 21.89 -17.14 -7.45
CA VAL C 32 21.52 -15.80 -7.93
C VAL C 32 21.12 -14.92 -6.77
N GLY C 33 20.29 -15.45 -5.87
CA GLY C 33 19.79 -14.63 -4.79
C GLY C 33 20.86 -14.25 -3.80
N THR C 34 21.76 -15.18 -3.48
CA THR C 34 22.81 -14.87 -2.51
C THR C 34 23.82 -13.89 -3.08
N THR C 35 24.11 -13.97 -4.38
CA THR C 35 24.96 -12.97 -5.02
C THR C 35 24.31 -11.59 -4.97
N ASP C 36 22.99 -11.53 -5.19
CA ASP C 36 22.26 -10.27 -5.05
C ASP C 36 22.31 -9.76 -3.62
N GLU C 37 22.18 -10.67 -2.63
CA GLU C 37 22.31 -10.30 -1.22
C GLU C 37 23.68 -9.68 -0.93
N LEU C 38 24.73 -10.28 -1.49
CA LEU C 38 26.08 -9.75 -1.33
C LEU C 38 26.20 -8.35 -1.95
N SER C 39 25.68 -8.18 -3.17
CA SER C 39 25.76 -6.87 -3.80
C SER C 39 25.02 -5.83 -3.00
N SER C 40 23.87 -6.21 -2.45
CA SER C 40 23.08 -5.27 -1.65
C SER C 40 23.79 -4.92 -0.35
N ALA C 41 24.46 -5.89 0.28
CA ALA C 41 25.26 -5.57 1.46
C ALA C 41 26.39 -4.61 1.10
N ILE C 42 27.08 -4.87 -0.01
CA ILE C 42 28.14 -3.97 -0.46
C ILE C 42 27.58 -2.58 -0.75
N GLY C 43 26.38 -2.51 -1.32
CA GLY C 43 25.76 -1.21 -1.57
C GLY C 43 25.57 -0.40 -0.32
N PHE C 44 25.21 -1.06 0.78
CA PHE C 44 25.05 -0.35 2.05
C PHE C 44 26.40 0.10 2.60
N ALA C 45 27.38 -0.80 2.60
CA ALA C 45 28.74 -0.41 3.01
C ALA C 45 29.24 0.75 2.16
N LEU C 46 28.92 0.72 0.85
CA LEU C 46 29.33 1.80 -0.05
C LEU C 46 28.78 3.14 0.41
N GLU C 47 27.55 3.15 0.94
CA GLU C 47 27.00 4.42 1.40
C GLU C 47 27.74 4.91 2.65
N LEU C 48 28.18 4.01 3.53
CA LEU C 48 29.01 4.43 4.65
C LEU C 48 30.34 4.99 4.17
N VAL C 49 30.91 4.36 3.13
CA VAL C 49 32.21 4.78 2.61
C VAL C 49 32.12 6.14 1.95
N THR C 50 31.10 6.33 1.10
CA THR C 50 30.98 7.57 0.36
C THR C 50 30.71 8.75 1.30
N GLU C 51 30.10 8.49 2.46
CA GLU C 51 29.87 9.54 3.44
C GLU C 51 31.18 10.13 3.95
N LYS C 52 32.27 9.35 3.89
CA LYS C 52 33.56 9.79 4.38
C LYS C 52 34.53 10.13 3.26
N GLY C 53 34.11 10.03 2.00
CA GLY C 53 34.94 10.45 0.88
C GLY C 53 36.12 9.55 0.57
N HIS C 54 36.06 8.27 0.96
CA HIS C 54 37.14 7.35 0.65
C HIS C 54 37.12 6.99 -0.83
N THR C 55 38.29 7.04 -1.46
CA THR C 55 38.39 6.80 -2.89
C THR C 55 37.95 5.39 -3.25
N PHE C 56 38.11 4.42 -2.33
CA PHE C 56 37.77 3.06 -2.71
C PHE C 56 36.26 2.82 -2.81
N ALA C 57 35.43 3.84 -2.57
CA ALA C 57 34.03 3.73 -2.98
C ALA C 57 33.91 3.36 -4.46
N GLU C 58 34.82 3.86 -5.30
CA GLU C 58 34.76 3.55 -6.72
C GLU C 58 35.02 2.06 -6.98
N GLU C 59 35.93 1.45 -6.22
CA GLU C 59 36.18 0.02 -6.38
C GLU C 59 34.95 -0.79 -5.99
N LEU C 60 34.28 -0.39 -4.90
CA LEU C 60 33.10 -1.14 -4.48
C LEU C 60 32.00 -1.05 -5.52
N GLN C 61 31.82 0.13 -6.13
CA GLN C 61 30.84 0.28 -7.20
C GLN C 61 31.18 -0.62 -8.38
N LYS C 62 32.46 -0.67 -8.77
CA LYS C 62 32.87 -1.55 -9.86
C LYS C 62 32.57 -3.00 -9.52
N ILE C 63 32.83 -3.40 -8.28
CA ILE C 63 32.52 -4.76 -7.84
C ILE C 63 31.03 -5.06 -7.97
N GLN C 64 30.17 -4.09 -7.64
CA GLN C 64 28.74 -4.33 -7.82
C GLN C 64 28.40 -4.62 -9.28
N CYS C 65 29.05 -3.92 -10.20
CA CYS C 65 28.84 -4.19 -11.62
C CYS C 65 29.27 -5.62 -11.98
N THR C 66 30.45 -6.04 -11.50
CA THR C 66 30.88 -7.40 -11.76
C THR C 66 29.93 -8.42 -11.14
N LEU C 67 29.35 -8.08 -9.97
CA LEU C 67 28.43 -9.01 -9.33
C LEU C 67 27.13 -9.15 -10.12
N GLN C 68 26.74 -8.11 -10.88
CA GLN C 68 25.65 -8.28 -11.83
C GLN C 68 26.01 -9.28 -12.90
N ASP C 69 27.27 -9.25 -13.39
CA ASP C 69 27.72 -10.23 -14.37
C ASP C 69 27.78 -11.64 -13.77
N VAL C 70 28.17 -11.74 -12.49
CA VAL C 70 28.12 -13.03 -11.80
C VAL C 70 26.69 -13.55 -11.77
N GLY C 71 25.75 -12.69 -11.37
CA GLY C 71 24.35 -13.10 -11.32
C GLY C 71 23.83 -13.53 -12.69
N SER C 72 24.23 -12.80 -13.73
CA SER C 72 23.81 -13.15 -15.09
C SER C 72 24.34 -14.52 -15.49
N ALA C 73 25.61 -14.81 -15.17
CA ALA C 73 26.16 -16.13 -15.48
C ALA C 73 25.41 -17.22 -14.73
N LEU C 74 25.16 -17.00 -13.44
CA LEU C 74 24.49 -18.02 -12.64
C LEU C 74 23.09 -18.31 -13.16
N ALA C 75 22.39 -17.29 -13.66
CA ALA C 75 21.04 -17.45 -14.19
C ALA C 75 21.03 -18.03 -15.60
N THR C 76 22.21 -18.39 -16.14
CA THR C 76 22.35 -18.98 -17.47
C THR C 76 23.01 -20.35 -17.32
N PRO C 77 22.28 -21.36 -16.83
CA PRO C 77 22.90 -22.67 -16.60
C PRO C 77 23.36 -23.32 -17.90
N CYS C 78 24.56 -23.92 -17.84
CA CYS C 78 25.15 -24.46 -19.06
C CYS C 78 24.34 -25.62 -19.63
N SER C 79 23.60 -26.34 -18.78
CA SER C 79 22.84 -27.50 -19.25
C SER C 79 21.74 -27.13 -20.25
N SER C 80 21.26 -25.89 -20.22
CA SER C 80 20.23 -25.45 -21.16
C SER C 80 20.70 -24.30 -22.03
N ALA C 81 21.97 -23.91 -21.95
CA ALA C 81 22.47 -22.78 -22.72
C ALA C 81 22.70 -23.17 -24.18
N ARG C 82 22.32 -22.28 -25.08
CA ARG C 82 22.64 -22.42 -26.49
C ARG C 82 23.81 -21.48 -26.84
N GLU C 83 24.19 -21.46 -28.12
CA GLU C 83 25.45 -20.83 -28.50
C GLU C 83 25.50 -19.36 -28.13
N ALA C 84 24.42 -18.61 -28.38
CA ALA C 84 24.43 -17.19 -28.08
C ALA C 84 24.45 -16.90 -26.58
N HIS C 85 24.02 -17.84 -25.75
CA HIS C 85 24.05 -17.61 -24.31
C HIS C 85 25.47 -17.52 -23.76
N LEU C 86 26.48 -17.86 -24.56
CA LEU C 86 27.87 -17.72 -24.14
C LEU C 86 28.22 -16.29 -23.74
N LYS C 87 27.48 -15.30 -24.24
CA LYS C 87 27.67 -13.93 -23.77
C LYS C 87 27.54 -13.82 -22.25
N TYR C 88 26.82 -14.74 -21.62
CA TYR C 88 26.60 -14.69 -20.19
C TYR C 88 27.32 -15.78 -19.42
N THR C 89 27.50 -16.96 -20.00
CA THR C 89 28.19 -18.03 -19.29
C THR C 89 29.69 -17.78 -19.20
N THR C 90 30.27 -17.06 -20.17
CA THR C 90 31.69 -16.78 -20.15
C THR C 90 32.01 -15.76 -19.07
N PHE C 91 32.83 -16.16 -18.11
CA PHE C 91 33.35 -15.25 -17.10
C PHE C 91 34.87 -15.29 -17.19
N LYS C 92 35.46 -14.23 -17.73
CA LYS C 92 36.89 -14.20 -17.97
C LYS C 92 37.65 -14.01 -16.67
N ALA C 93 38.98 -14.22 -16.74
CA ALA C 93 39.82 -14.10 -15.57
C ALA C 93 40.15 -12.65 -15.19
N GLY C 94 39.92 -11.70 -16.09
CA GLY C 94 40.24 -10.30 -15.87
C GLY C 94 39.84 -9.73 -14.52
N PRO C 95 38.55 -9.83 -14.16
CA PRO C 95 38.13 -9.29 -12.86
C PRO C 95 38.82 -9.92 -11.68
N ILE C 96 39.19 -11.19 -11.77
CA ILE C 96 39.97 -11.83 -10.71
C ILE C 96 41.33 -11.18 -10.58
N LEU C 97 42.04 -11.02 -11.71
CA LEU C 97 43.35 -10.38 -11.70
C LEU C 97 43.27 -8.96 -11.15
N GLU C 98 42.19 -8.24 -11.45
CA GLU C 98 42.08 -6.87 -10.95
C GLU C 98 41.93 -6.85 -9.44
N LEU C 99 41.12 -7.76 -8.89
CA LEU C 99 41.02 -7.88 -7.43
C LEU C 99 42.38 -8.13 -6.81
N GLU C 100 43.17 -9.02 -7.42
CA GLU C 100 44.50 -9.32 -6.89
C GLU C 100 45.39 -8.08 -6.90
N GLN C 101 45.31 -7.28 -7.96
CA GLN C 101 46.10 -6.05 -8.01
C GLN C 101 45.67 -5.08 -6.92
N TRP C 102 44.36 -4.99 -6.66
CA TRP C 102 43.89 -4.13 -5.59
C TRP C 102 44.34 -4.65 -4.23
N ILE C 103 44.22 -5.97 -4.00
CA ILE C 103 44.70 -6.57 -2.76
C ILE C 103 46.18 -6.25 -2.55
N ASP C 104 46.98 -6.43 -3.61
CA ASP C 104 48.41 -6.14 -3.50
C ASP C 104 48.66 -4.70 -3.09
N LYS C 105 47.91 -3.76 -3.70
CA LYS C 105 48.09 -2.34 -3.38
C LYS C 105 47.89 -2.09 -1.89
N TYR C 106 46.81 -2.63 -1.32
CA TYR C 106 46.51 -2.37 0.08
C TYR C 106 47.51 -3.08 1.00
N THR C 107 47.79 -4.36 0.73
CA THR C 107 48.67 -5.12 1.60
C THR C 107 50.08 -4.54 1.67
N SER C 108 50.45 -3.64 0.75
CA SER C 108 51.72 -2.94 0.85
C SER C 108 51.88 -2.18 2.16
N GLN C 109 50.81 -2.06 2.94
CA GLN C 109 50.84 -1.35 4.21
C GLN C 109 50.29 -2.19 5.36
N LEU C 110 49.79 -3.40 5.08
CA LEU C 110 49.16 -4.25 6.08
C LEU C 110 49.57 -5.70 5.84
N PRO C 111 50.74 -6.10 6.35
CA PRO C 111 51.23 -7.46 6.09
C PRO C 111 50.34 -8.51 6.74
N PRO C 112 50.44 -9.77 6.30
CA PRO C 112 49.53 -10.80 6.83
C PRO C 112 49.69 -10.98 8.32
N LEU C 113 48.57 -11.14 9.00
CA LEU C 113 48.57 -11.33 10.44
C LEU C 113 49.01 -12.75 10.81
N THR C 114 49.65 -12.86 11.96
CA THR C 114 49.76 -14.14 12.65
C THR C 114 48.67 -14.28 13.71
N ALA C 115 48.37 -13.21 14.43
CA ALA C 115 47.30 -13.22 15.42
C ALA C 115 45.94 -13.07 14.75
N PHE C 116 44.91 -13.59 15.42
CA PHE C 116 43.55 -13.52 14.90
C PHE C 116 42.86 -12.26 15.38
N ILE C 117 42.10 -11.62 14.49
CA ILE C 117 41.35 -10.42 14.83
C ILE C 117 39.86 -10.77 14.84
N LEU C 118 39.11 -10.02 15.64
CA LEU C 118 37.66 -10.02 15.64
C LEU C 118 37.14 -9.07 14.58
N PRO C 119 35.95 -9.33 14.01
CA PRO C 119 35.35 -8.32 13.11
C PRO C 119 35.16 -7.00 13.85
N SER C 120 35.87 -5.97 13.42
CA SER C 120 36.00 -4.73 14.19
C SER C 120 36.70 -3.71 13.29
N GLY C 121 37.06 -2.57 13.88
CA GLY C 121 37.83 -1.56 13.20
C GLY C 121 37.09 -0.28 12.84
N GLY C 122 35.89 -0.09 13.34
CA GLY C 122 35.07 1.04 12.95
C GLY C 122 33.85 0.61 12.16
N LYS C 123 32.94 1.58 11.96
CA LYS C 123 31.69 1.28 11.27
C LYS C 123 31.93 0.71 9.87
N ILE C 124 32.82 1.35 9.11
CA ILE C 124 33.05 0.90 7.73
C ILE C 124 33.75 -0.45 7.72
N SER C 125 34.79 -0.62 8.55
N SER C 125 34.79 -0.61 8.55
CA SER C 125 35.48 -1.91 8.60
CA SER C 125 35.50 -1.89 8.63
C SER C 125 34.54 -3.03 9.01
C SER C 125 34.55 -3.02 9.02
N SER C 126 33.72 -2.79 10.04
CA SER C 126 32.79 -3.83 10.50
C SER C 126 31.76 -4.15 9.43
N ALA C 127 31.29 -3.14 8.71
CA ALA C 127 30.37 -3.39 7.61
C ALA C 127 31.03 -4.24 6.53
N LEU C 128 32.30 -3.97 6.23
CA LEU C 128 33.00 -4.74 5.21
C LEU C 128 33.24 -6.18 5.65
N HIS C 129 33.50 -6.40 6.94
CA HIS C 129 33.62 -7.78 7.44
C HIS C 129 32.30 -8.53 7.31
N PHE C 130 31.16 -7.86 7.53
CA PHE C 130 29.89 -8.53 7.28
C PHE C 130 29.72 -8.86 5.80
N CYS C 131 30.08 -7.92 4.91
CA CYS C 131 30.08 -8.20 3.48
C CYS C 131 30.95 -9.41 3.16
N ARG C 132 32.13 -9.49 3.78
CA ARG C 132 33.04 -10.62 3.58
C ARG C 132 32.35 -11.93 3.91
N ALA C 133 31.67 -11.99 5.05
CA ALA C 133 30.98 -13.22 5.44
C ALA C 133 29.87 -13.56 4.45
N VAL C 134 29.11 -12.56 4.00
CA VAL C 134 28.08 -12.84 3.01
C VAL C 134 28.72 -13.32 1.72
N CYS C 135 29.90 -12.79 1.37
CA CYS C 135 30.57 -13.24 0.16
C CYS C 135 30.98 -14.72 0.28
N CYS C 136 31.49 -15.13 1.43
CA CYS C 136 31.80 -16.54 1.62
C CYS C 136 30.56 -17.41 1.49
N ARG C 137 29.41 -16.92 1.98
CA ARG C 137 28.16 -17.65 1.78
C ARG C 137 27.81 -17.76 0.30
N ALA C 138 27.98 -16.66 -0.47
CA ALA C 138 27.73 -16.71 -1.90
C ALA C 138 28.62 -17.76 -2.56
N GLU C 139 29.89 -17.80 -2.18
CA GLU C 139 30.80 -18.82 -2.73
C GLU C 139 30.28 -20.22 -2.45
N ARG C 140 29.79 -20.48 -1.23
CA ARG C 140 29.28 -21.81 -0.92
C ARG C 140 28.10 -22.18 -1.79
N ARG C 141 27.31 -21.19 -2.23
CA ARG C 141 26.16 -21.47 -3.08
C ARG C 141 26.55 -21.70 -4.53
N VAL C 142 27.70 -21.17 -4.94
CA VAL C 142 28.15 -21.33 -6.32
C VAL C 142 28.96 -22.60 -6.55
N VAL C 143 29.75 -23.06 -5.56
CA VAL C 143 30.61 -24.24 -5.79
C VAL C 143 29.84 -25.47 -6.26
N PRO C 144 28.63 -25.79 -5.77
CA PRO C 144 27.96 -26.98 -6.32
C PRO C 144 27.57 -26.81 -7.77
N LEU C 145 27.25 -25.59 -8.21
CA LEU C 145 26.93 -25.37 -9.60
C LEU C 145 28.15 -25.57 -10.49
N VAL C 146 29.33 -25.21 -9.99
CA VAL C 146 30.55 -25.49 -10.76
C VAL C 146 30.79 -26.99 -10.85
N GLN C 147 30.58 -27.72 -9.75
CA GLN C 147 30.79 -29.17 -9.78
C GLN C 147 29.85 -29.84 -10.75
N MET C 148 28.61 -29.34 -10.87
CA MET C 148 27.65 -29.93 -11.77
C MET C 148 27.84 -29.50 -13.22
N GLY C 149 28.79 -28.60 -13.49
CA GLY C 149 29.01 -28.14 -14.83
C GLY C 149 28.05 -27.07 -15.30
N GLU C 150 27.25 -26.50 -14.38
CA GLU C 150 26.29 -25.47 -14.75
C GLU C 150 26.93 -24.09 -14.89
N THR C 151 28.06 -23.86 -14.22
CA THR C 151 28.65 -22.55 -14.06
C THR C 151 30.16 -22.65 -14.24
N ASP C 152 30.72 -21.67 -14.97
CA ASP C 152 32.17 -21.53 -15.16
C ASP C 152 32.90 -21.44 -13.82
N ALA C 153 34.01 -22.19 -13.72
CA ALA C 153 34.83 -22.15 -12.50
C ALA C 153 35.28 -20.74 -12.13
N ASN C 154 35.47 -19.87 -13.13
CA ASN C 154 35.96 -18.53 -12.81
C ASN C 154 34.98 -17.75 -11.95
N VAL C 155 33.70 -18.07 -12.04
CA VAL C 155 32.72 -17.38 -11.19
C VAL C 155 33.03 -17.65 -9.71
N ALA C 156 33.29 -18.91 -9.36
CA ALA C 156 33.62 -19.24 -7.98
C ALA C 156 34.98 -18.68 -7.57
N LYS C 157 35.94 -18.68 -8.49
CA LYS C 157 37.25 -18.09 -8.18
C LYS C 157 37.12 -16.61 -7.87
N PHE C 158 36.26 -15.91 -8.60
CA PHE C 158 36.06 -14.50 -8.33
C PHE C 158 35.52 -14.27 -6.92
N LEU C 159 34.50 -15.05 -6.53
CA LEU C 159 33.95 -14.89 -5.20
C LEU C 159 34.97 -15.26 -4.12
N ASN C 160 35.76 -16.30 -4.36
CA ASN C 160 36.86 -16.62 -3.46
C ASN C 160 37.79 -15.42 -3.29
N ARG C 161 38.23 -14.84 -4.40
CA ARG C 161 39.15 -13.71 -4.33
C ARG C 161 38.49 -12.48 -3.70
N LEU C 162 37.19 -12.29 -3.94
CA LEU C 162 36.50 -11.12 -3.40
C LEU C 162 36.44 -11.13 -1.88
N SER C 163 36.35 -12.30 -1.25
N SER C 163 36.32 -12.32 -1.26
CA SER C 163 36.34 -12.29 0.21
CA SER C 163 36.36 -12.38 0.20
C SER C 163 37.70 -11.93 0.79
C SER C 163 37.69 -11.86 0.73
N ASP C 164 38.79 -12.25 0.06
CA ASP C 164 40.10 -11.74 0.45
C ASP C 164 40.20 -10.23 0.27
N TYR C 165 39.63 -9.72 -0.82
CA TYR C 165 39.62 -8.27 -1.02
C TYR C 165 38.85 -7.57 0.08
N LEU C 166 37.66 -8.08 0.41
CA LEU C 166 36.84 -7.43 1.44
C LEU C 166 37.54 -7.44 2.80
N PHE C 167 38.21 -8.55 3.13
CA PHE C 167 39.02 -8.62 4.35
C PHE C 167 40.10 -7.55 4.35
N THR C 168 40.86 -7.47 3.25
CA THR C 168 41.96 -6.52 3.14
C THR C 168 41.46 -5.08 3.18
N LEU C 169 40.33 -4.81 2.51
CA LEU C 169 39.78 -3.47 2.51
C LEU C 169 39.29 -3.06 3.89
N ALA C 170 38.68 -4.00 4.63
CA ALA C 170 38.27 -3.71 6.00
C ALA C 170 39.47 -3.29 6.86
N ARG C 171 40.58 -4.02 6.76
CA ARG C 171 41.76 -3.65 7.54
C ARG C 171 42.31 -2.31 7.11
N TYR C 172 42.30 -2.04 5.81
CA TYR C 172 42.77 -0.78 5.29
C TYR C 172 41.92 0.38 5.79
N ALA C 173 40.59 0.21 5.76
CA ALA C 173 39.69 1.24 6.27
C ALA C 173 39.96 1.53 7.74
N ALA C 174 40.15 0.47 8.54
CA ALA C 174 40.44 0.67 9.96
C ALA C 174 41.72 1.47 10.16
N MET C 175 42.75 1.18 9.36
CA MET C 175 44.00 1.92 9.47
C MET C 175 43.84 3.37 9.01
N LYS C 176 43.17 3.58 7.87
CA LYS C 176 43.05 4.93 7.32
C LYS C 176 42.23 5.82 8.25
N GLU C 177 41.33 5.24 9.03
CA GLU C 177 40.56 5.99 10.02
C GLU C 177 41.21 5.98 11.40
N GLY C 178 42.33 5.29 11.57
CA GLY C 178 43.03 5.29 12.84
C GLY C 178 42.30 4.57 13.95
N ASN C 179 41.58 3.50 13.65
CA ASN C 179 40.86 2.72 14.65
C ASN C 179 41.59 1.41 14.87
N GLN C 180 41.86 1.09 16.14
CA GLN C 180 42.52 -0.15 16.48
C GLN C 180 41.55 -1.32 16.36
N GLU C 181 41.93 -2.34 15.59
CA GLU C 181 41.14 -3.55 15.52
C GLU C 181 41.25 -4.34 16.81
N LYS C 182 40.17 -5.01 17.18
CA LYS C 182 40.15 -5.80 18.40
C LYS C 182 40.74 -7.18 18.14
N ILE C 183 41.62 -7.61 19.03
CA ILE C 183 42.33 -8.88 18.89
C ILE C 183 41.58 -9.96 19.66
N TYR C 184 41.73 -11.20 19.20
CA TYR C 184 41.18 -12.34 19.92
C TYR C 184 41.98 -12.59 21.20
N MET C 185 41.28 -13.02 22.24
CA MET C 185 41.91 -13.53 23.43
C MET C 185 41.00 -14.60 24.03
N LYS C 186 41.61 -15.66 24.56
CA LYS C 186 40.84 -16.74 25.15
C LYS C 186 40.05 -16.23 26.35
N ASN C 187 38.74 -16.48 26.35
CA ASN C 187 37.86 -16.03 27.42
C ASN C 187 37.34 -17.20 28.24
N PRO D 2 9.30 -17.52 35.04
CA PRO D 2 10.24 -18.47 34.42
C PRO D 2 11.31 -17.77 33.60
N LYS D 3 12.53 -18.30 33.59
CA LYS D 3 13.59 -17.73 32.80
C LYS D 3 13.28 -17.85 31.31
N ILE D 4 13.79 -16.88 30.54
CA ILE D 4 13.59 -16.93 29.10
C ILE D 4 14.28 -18.16 28.50
N TYR D 5 15.35 -18.62 29.13
CA TYR D 5 16.05 -19.83 28.66
C TYR D 5 15.45 -21.02 29.40
N THR D 6 14.59 -21.77 28.70
CA THR D 6 14.02 -22.98 29.28
C THR D 6 14.98 -24.14 29.20
N LYS D 7 15.92 -24.09 28.27
CA LYS D 7 16.89 -25.13 27.93
C LYS D 7 16.24 -26.35 27.28
N THR D 8 14.93 -26.32 27.04
CA THR D 8 14.29 -27.42 26.33
C THR D 8 14.75 -27.49 24.86
N GLY D 9 15.30 -26.43 24.30
CA GLY D 9 15.88 -26.46 22.98
C GLY D 9 17.37 -26.78 22.91
N ASP D 10 17.99 -27.12 24.05
CA ASP D 10 19.45 -27.25 24.10
C ASP D 10 19.95 -28.46 23.31
N LYS D 11 19.14 -29.49 23.13
CA LYS D 11 19.55 -30.67 22.39
C LYS D 11 19.11 -30.66 20.93
N GLY D 12 18.68 -29.50 20.43
CA GLY D 12 18.44 -29.31 19.01
C GLY D 12 17.03 -29.51 18.52
N PHE D 13 16.05 -29.64 19.41
CA PHE D 13 14.65 -29.76 19.01
C PHE D 13 13.87 -28.54 19.48
N SER D 14 12.73 -28.30 18.83
CA SER D 14 11.91 -27.16 19.19
C SER D 14 10.47 -27.43 18.82
N SER D 15 9.57 -26.59 19.33
CA SER D 15 8.13 -26.78 19.12
C SER D 15 7.60 -25.90 18.00
N THR D 16 6.70 -26.48 17.20
CA THR D 16 5.82 -25.72 16.34
C THR D 16 4.58 -25.31 17.12
N PHE D 17 3.73 -24.50 16.48
CA PHE D 17 2.52 -24.05 17.15
C PHE D 17 1.42 -25.11 17.19
N THR D 18 1.57 -26.22 16.45
CA THR D 18 0.67 -27.36 16.65
C THR D 18 1.06 -28.21 17.84
N GLY D 19 2.20 -27.90 18.50
CA GLY D 19 2.75 -28.74 19.53
C GLY D 19 3.72 -29.79 19.04
N GLU D 20 3.73 -30.06 17.73
CA GLU D 20 4.68 -31.00 17.16
C GLU D 20 6.09 -30.50 17.40
N ARG D 21 7.00 -31.42 17.74
CA ARG D 21 8.40 -31.07 17.92
C ARG D 21 9.22 -31.61 16.75
N ARG D 22 10.15 -30.79 16.27
CA ARG D 22 10.99 -31.11 15.12
C ARG D 22 12.42 -30.68 15.42
N PRO D 23 13.40 -31.28 14.75
CA PRO D 23 14.76 -30.75 14.84
C PRO D 23 14.80 -29.30 14.35
N LYS D 24 15.69 -28.51 14.95
CA LYS D 24 15.77 -27.08 14.63
C LYS D 24 16.21 -26.81 13.18
N ASP D 25 16.84 -27.77 12.51
CA ASP D 25 17.20 -27.56 11.11
C ASP D 25 16.08 -27.94 10.14
N ASP D 26 14.91 -28.29 10.66
CA ASP D 26 13.77 -28.61 9.81
C ASP D 26 13.39 -27.42 8.93
N GLN D 27 12.86 -27.72 7.75
CA GLN D 27 12.43 -26.69 6.82
C GLN D 27 11.46 -25.69 7.45
N VAL D 28 10.62 -26.12 8.38
CA VAL D 28 9.68 -25.18 9.00
C VAL D 28 10.44 -24.09 9.75
N PHE D 29 11.47 -24.46 10.51
CA PHE D 29 12.19 -23.46 11.29
C PHE D 29 13.11 -22.62 10.40
N GLU D 30 13.57 -23.18 9.29
CA GLU D 30 14.32 -22.35 8.34
C GLU D 30 13.45 -21.25 7.76
N ALA D 31 12.18 -21.58 7.46
CA ALA D 31 11.26 -20.58 6.93
C ALA D 31 10.86 -19.56 8.00
N VAL D 32 10.50 -20.04 9.20
CA VAL D 32 10.17 -19.16 10.32
C VAL D 32 11.35 -18.23 10.61
N GLY D 33 12.55 -18.80 10.68
CA GLY D 33 13.71 -17.99 11.04
C GLY D 33 14.06 -16.97 9.98
N THR D 34 13.95 -17.34 8.70
CA THR D 34 14.30 -16.39 7.64
C THR D 34 13.26 -15.28 7.53
N THR D 35 11.99 -15.57 7.85
CA THR D 35 10.99 -14.51 7.91
C THR D 35 11.31 -13.53 9.04
N ASP D 36 11.78 -14.05 10.18
CA ASP D 36 12.17 -13.19 11.30
C ASP D 36 13.40 -12.37 10.94
N GLU D 37 14.36 -12.99 10.24
CA GLU D 37 15.50 -12.24 9.74
C GLU D 37 15.07 -11.10 8.83
N LEU D 38 14.11 -11.35 7.94
CA LEU D 38 13.59 -10.27 7.09
C LEU D 38 12.95 -9.17 7.92
N SER D 39 12.09 -9.54 8.88
CA SER D 39 11.48 -8.52 9.72
C SER D 39 12.52 -7.72 10.49
N SER D 40 13.58 -8.38 10.93
CA SER D 40 14.63 -7.68 11.66
C SER D 40 15.41 -6.74 10.75
N ALA D 41 15.70 -7.16 9.52
CA ALA D 41 16.34 -6.25 8.57
C ALA D 41 15.47 -5.02 8.30
N ILE D 42 14.16 -5.22 8.15
CA ILE D 42 13.25 -4.10 7.94
C ILE D 42 13.24 -3.18 9.16
N GLY D 43 13.31 -3.77 10.35
CA GLY D 43 13.34 -2.96 11.57
C GLY D 43 14.55 -2.04 11.63
N PHE D 44 15.70 -2.52 11.15
CA PHE D 44 16.86 -1.64 11.11
C PHE D 44 16.69 -0.57 10.04
N ALA D 45 16.18 -0.93 8.87
CA ALA D 45 15.93 0.07 7.84
C ALA D 45 14.98 1.14 8.36
N LEU D 46 14.01 0.72 9.16
CA LEU D 46 13.04 1.65 9.74
C LEU D 46 13.72 2.71 10.59
N GLU D 47 14.79 2.32 11.30
CA GLU D 47 15.50 3.30 12.12
C GLU D 47 16.08 4.41 11.25
N LEU D 48 16.53 4.07 10.04
CA LEU D 48 17.03 5.08 9.11
C LEU D 48 15.88 5.90 8.52
N VAL D 49 14.72 5.29 8.34
CA VAL D 49 13.56 5.98 7.77
C VAL D 49 13.06 7.05 8.72
N THR D 50 12.69 6.63 9.93
CA THR D 50 12.16 7.58 10.91
C THR D 50 13.17 8.66 11.27
N GLU D 51 14.47 8.38 11.13
CA GLU D 51 15.48 9.40 11.40
C GLU D 51 15.45 10.50 10.34
N LYS D 52 15.16 10.16 9.09
CA LYS D 52 14.98 11.16 8.05
C LYS D 52 13.54 11.60 7.90
N GLY D 53 12.64 11.08 8.73
CA GLY D 53 11.23 11.46 8.67
C GLY D 53 10.58 11.13 7.35
N HIS D 54 11.00 10.05 6.72
CA HIS D 54 10.44 9.62 5.42
C HIS D 54 8.96 9.29 5.62
N THR D 55 8.25 9.29 4.54
CA THR D 55 6.81 9.19 4.68
C THR D 55 6.37 7.79 5.10
N PHE D 56 7.12 6.75 4.73
CA PHE D 56 6.59 5.40 4.64
C PHE D 56 6.94 4.50 5.84
N ALA D 57 7.32 5.09 6.97
CA ALA D 57 7.66 4.25 8.12
C ALA D 57 6.47 3.42 8.57
N GLU D 58 5.26 3.97 8.48
CA GLU D 58 4.07 3.26 8.93
C GLU D 58 3.80 2.03 8.06
N GLU D 59 4.07 2.12 6.76
CA GLU D 59 3.89 0.95 5.88
C GLU D 59 4.84 -0.16 6.27
N LEU D 60 6.11 0.17 6.53
CA LEU D 60 7.08 -0.84 6.89
C LEU D 60 6.72 -1.49 8.22
N GLN D 61 6.22 -0.69 9.17
CA GLN D 61 5.77 -1.24 10.46
C GLN D 61 4.60 -2.19 10.29
N LYS D 62 3.63 -1.82 9.45
CA LYS D 62 2.51 -2.71 9.15
C LYS D 62 3.00 -4.00 8.51
N ILE D 63 4.00 -3.91 7.64
CA ILE D 63 4.58 -5.10 7.03
C ILE D 63 5.20 -6.01 8.09
N GLN D 64 5.87 -5.42 9.09
CA GLN D 64 6.43 -6.25 10.17
C GLN D 64 5.33 -7.02 10.89
N CYS D 65 4.17 -6.38 11.09
CA CYS D 65 3.06 -7.07 11.72
C CYS D 65 2.63 -8.25 10.87
N THR D 66 2.49 -8.03 9.57
CA THR D 66 2.07 -9.11 8.69
C THR D 66 3.12 -10.21 8.65
N LEU D 67 4.41 -9.85 8.73
CA LEU D 67 5.46 -10.87 8.77
C LEU D 67 5.38 -11.72 10.03
N GLN D 68 4.91 -11.14 11.15
CA GLN D 68 4.63 -11.98 12.31
C GLN D 68 3.50 -12.97 12.02
N ASP D 69 2.47 -12.52 11.28
CA ASP D 69 1.42 -13.44 10.86
C ASP D 69 1.96 -14.52 9.92
N VAL D 70 2.86 -14.13 9.01
CA VAL D 70 3.54 -15.12 8.16
C VAL D 70 4.25 -16.15 9.01
N GLY D 71 5.06 -15.67 9.96
CA GLY D 71 5.80 -16.58 10.82
C GLY D 71 4.90 -17.53 11.60
N SER D 72 3.76 -17.02 12.10
CA SER D 72 2.86 -17.87 12.86
C SER D 72 2.21 -18.93 11.97
N ALA D 73 1.85 -18.56 10.75
CA ALA D 73 1.29 -19.54 9.81
C ALA D 73 2.33 -20.62 9.46
N LEU D 74 3.57 -20.21 9.19
CA LEU D 74 4.63 -21.17 8.88
C LEU D 74 4.85 -22.12 10.04
N ALA D 75 4.75 -21.61 11.27
CA ALA D 75 4.95 -22.41 12.48
C ALA D 75 3.75 -23.31 12.80
N THR D 76 2.72 -23.31 11.95
CA THR D 76 1.54 -24.16 12.13
C THR D 76 1.41 -25.09 10.91
N PRO D 77 2.30 -26.08 10.79
CA PRO D 77 2.30 -26.93 9.59
C PRO D 77 1.04 -27.80 9.48
N CYS D 78 0.47 -27.88 8.28
CA CYS D 78 -0.76 -28.64 8.13
C CYS D 78 -0.59 -30.12 8.50
N SER D 79 0.61 -30.70 8.33
CA SER D 79 0.80 -32.13 8.56
C SER D 79 0.57 -32.54 10.02
N SER D 80 0.63 -31.59 10.97
CA SER D 80 0.38 -31.92 12.36
C SER D 80 -0.75 -31.08 12.96
N ALA D 81 -1.55 -30.43 12.13
CA ALA D 81 -2.59 -29.53 12.60
C ALA D 81 -3.87 -30.30 12.92
N ARG D 82 -4.33 -30.22 14.16
CA ARG D 82 -5.67 -30.67 14.51
C ARG D 82 -6.72 -29.71 13.96
N GLU D 83 -7.99 -30.14 14.05
CA GLU D 83 -9.07 -29.26 13.61
C GLU D 83 -8.97 -27.87 14.23
N ALA D 84 -8.67 -27.81 15.53
CA ALA D 84 -8.58 -26.53 16.23
C ALA D 84 -7.43 -25.66 15.73
N HIS D 85 -6.40 -26.26 15.13
CA HIS D 85 -5.28 -25.49 14.63
C HIS D 85 -5.51 -24.91 13.24
N LEU D 86 -6.48 -25.43 12.49
CA LEU D 86 -6.57 -25.08 11.06
C LEU D 86 -6.79 -23.59 10.83
N LYS D 87 -7.57 -22.93 11.71
CA LYS D 87 -7.81 -21.50 11.51
C LYS D 87 -6.53 -20.68 11.60
N TYR D 88 -5.48 -21.24 12.16
CA TYR D 88 -4.19 -20.55 12.23
C TYR D 88 -3.31 -20.84 11.03
N THR D 89 -3.72 -21.74 10.13
CA THR D 89 -2.94 -22.06 8.95
C THR D 89 -3.29 -21.17 7.76
N THR D 90 -4.43 -20.50 7.79
CA THR D 90 -4.86 -19.74 6.62
C THR D 90 -4.23 -18.36 6.62
N PHE D 91 -3.89 -17.88 5.43
CA PHE D 91 -3.29 -16.56 5.25
C PHE D 91 -4.11 -15.88 4.17
N LYS D 92 -4.82 -14.82 4.54
CA LYS D 92 -5.74 -14.23 3.59
C LYS D 92 -5.02 -13.32 2.59
N ALA D 93 -5.71 -13.04 1.49
CA ALA D 93 -5.11 -12.33 0.36
C ALA D 93 -5.06 -10.82 0.55
N GLY D 94 -5.81 -10.27 1.51
CA GLY D 94 -5.82 -8.83 1.74
C GLY D 94 -4.46 -8.14 1.74
N PRO D 95 -3.49 -8.65 2.50
CA PRO D 95 -2.18 -7.98 2.52
C PRO D 95 -1.50 -7.94 1.17
N ILE D 96 -1.73 -8.96 0.33
CA ILE D 96 -1.13 -8.96 -1.01
C ILE D 96 -1.70 -7.84 -1.85
N LEU D 97 -3.02 -7.65 -1.79
CA LEU D 97 -3.62 -6.59 -2.58
C LEU D 97 -3.22 -5.21 -2.06
N GLU D 98 -3.02 -5.09 -0.74
CA GLU D 98 -2.56 -3.81 -0.21
C GLU D 98 -1.14 -3.49 -0.67
N LEU D 99 -0.26 -4.49 -0.75
CA LEU D 99 1.06 -4.25 -1.31
C LEU D 99 0.96 -3.77 -2.75
N GLU D 100 0.08 -4.39 -3.53
CA GLU D 100 -0.11 -3.96 -4.91
C GLU D 100 -0.54 -2.51 -5.00
N GLN D 101 -1.47 -2.10 -4.12
CA GLN D 101 -1.91 -0.71 -4.16
C GLN D 101 -0.79 0.25 -3.82
N TRP D 102 0.08 -0.14 -2.86
CA TRP D 102 1.22 0.71 -2.53
C TRP D 102 2.24 0.75 -3.66
N ILE D 103 2.53 -0.40 -4.28
CA ILE D 103 3.41 -0.43 -5.44
C ILE D 103 2.89 0.50 -6.53
N ASP D 104 1.59 0.42 -6.83
CA ASP D 104 1.00 1.27 -7.86
C ASP D 104 1.16 2.74 -7.51
N LYS D 105 0.99 3.10 -6.23
CA LYS D 105 1.08 4.50 -5.81
C LYS D 105 2.48 5.06 -6.05
N TYR D 106 3.51 4.31 -5.66
CA TYR D 106 4.88 4.80 -5.86
C TYR D 106 5.28 4.76 -7.32
N THR D 107 4.82 3.74 -8.06
CA THR D 107 5.18 3.62 -9.46
C THR D 107 4.69 4.82 -10.27
N SER D 108 3.52 5.35 -9.90
N SER D 108 3.51 5.35 -9.91
CA SER D 108 2.97 6.51 -10.59
CA SER D 108 2.97 6.51 -10.59
C SER D 108 3.82 7.76 -10.39
C SER D 108 3.83 7.76 -10.39
N GLN D 109 4.63 7.81 -9.33
CA GLN D 109 5.48 8.95 -9.06
C GLN D 109 6.91 8.75 -9.55
N LEU D 110 7.22 7.59 -10.12
CA LEU D 110 8.57 7.22 -10.50
C LEU D 110 8.74 7.23 -12.02
N PRO D 111 9.96 7.42 -12.49
CA PRO D 111 10.24 7.26 -13.92
C PRO D 111 10.06 5.81 -14.34
N PRO D 112 9.85 5.56 -15.63
CA PRO D 112 9.71 4.17 -16.08
C PRO D 112 10.98 3.36 -15.83
N LEU D 113 10.81 2.14 -15.32
CA LEU D 113 11.92 1.23 -15.17
C LEU D 113 12.24 0.61 -16.52
N THR D 114 13.48 0.79 -16.98
CA THR D 114 13.84 0.42 -18.35
C THR D 114 15.02 -0.53 -18.47
N ALA D 115 15.77 -0.81 -17.40
CA ALA D 115 16.93 -1.69 -17.49
C ALA D 115 17.25 -2.21 -16.09
N PHE D 116 18.39 -2.90 -15.98
CA PHE D 116 18.85 -3.40 -14.70
C PHE D 116 19.57 -2.28 -13.95
N ILE D 117 19.20 -2.09 -12.68
CA ILE D 117 19.82 -1.09 -11.83
C ILE D 117 20.64 -1.79 -10.75
N LEU D 118 21.63 -1.05 -10.19
CA LEU D 118 22.45 -1.56 -9.09
C LEU D 118 21.77 -1.28 -7.75
N PRO D 119 22.03 -2.12 -6.72
CA PRO D 119 21.55 -1.77 -5.37
C PRO D 119 22.23 -0.51 -4.86
N SER D 120 21.49 0.59 -4.80
CA SER D 120 22.12 1.90 -4.65
C SER D 120 21.07 2.90 -4.20
N GLY D 121 21.43 4.19 -4.25
CA GLY D 121 20.49 5.27 -4.10
C GLY D 121 20.46 5.98 -2.76
N GLY D 122 21.50 5.87 -1.95
CA GLY D 122 21.50 6.44 -0.62
C GLY D 122 21.34 5.35 0.45
N LYS D 123 21.46 5.79 1.70
CA LYS D 123 21.49 4.84 2.81
C LYS D 123 20.17 4.08 2.96
N ILE D 124 19.04 4.80 2.92
CA ILE D 124 17.74 4.11 3.08
C ILE D 124 17.46 3.21 1.89
N SER D 125 17.71 3.68 0.68
CA SER D 125 17.49 2.86 -0.52
C SER D 125 18.35 1.59 -0.48
N SER D 126 19.63 1.74 -0.13
N SER D 126 19.62 1.74 -0.14
CA SER D 126 20.51 0.57 -0.08
CA SER D 126 20.51 0.57 -0.07
C SER D 126 20.07 -0.40 1.02
C SER D 126 20.06 -0.40 1.02
N ALA D 127 19.61 0.13 2.16
CA ALA D 127 19.11 -0.76 3.21
C ALA D 127 17.88 -1.53 2.74
N LEU D 128 17.00 -0.86 1.99
CA LEU D 128 15.80 -1.55 1.50
C LEU D 128 16.13 -2.58 0.42
N HIS D 129 17.17 -2.34 -0.38
CA HIS D 129 17.59 -3.37 -1.32
C HIS D 129 18.13 -4.60 -0.62
N PHE D 130 18.81 -4.42 0.51
CA PHE D 130 19.22 -5.59 1.29
C PHE D 130 18.02 -6.31 1.87
N CYS D 131 17.03 -5.56 2.37
CA CYS D 131 15.78 -6.15 2.82
C CYS D 131 15.14 -6.96 1.69
N ARG D 132 15.14 -6.40 0.48
CA ARG D 132 14.60 -7.08 -0.69
C ARG D 132 15.28 -8.42 -0.93
N ALA D 133 16.62 -8.44 -0.87
CA ALA D 133 17.35 -9.70 -1.08
C ALA D 133 17.01 -10.72 0.03
N VAL D 134 16.91 -10.28 1.27
CA VAL D 134 16.54 -11.20 2.34
C VAL D 134 15.11 -11.70 2.13
N CYS D 135 14.20 -10.85 1.64
CA CYS D 135 12.85 -11.29 1.31
C CYS D 135 12.86 -12.37 0.24
N CYS D 136 13.67 -12.21 -0.80
CA CYS D 136 13.76 -13.26 -1.81
C CYS D 136 14.25 -14.57 -1.20
N ARG D 137 15.19 -14.49 -0.25
CA ARG D 137 15.66 -15.69 0.44
C ARG D 137 14.53 -16.31 1.25
N ALA D 138 13.77 -15.48 1.97
CA ALA D 138 12.60 -16.00 2.69
C ALA D 138 11.62 -16.68 1.74
N GLU D 139 11.40 -16.10 0.56
CA GLU D 139 10.53 -16.74 -0.42
C GLU D 139 11.05 -18.12 -0.80
N ARG D 140 12.36 -18.25 -1.03
CA ARG D 140 12.93 -19.55 -1.39
C ARG D 140 12.74 -20.57 -0.29
N ARG D 141 12.72 -20.15 0.98
CA ARG D 141 12.51 -21.09 2.08
C ARG D 141 11.06 -21.51 2.25
N VAL D 142 10.12 -20.68 1.79
CA VAL D 142 8.69 -20.99 1.93
C VAL D 142 8.19 -21.83 0.76
N VAL D 143 8.79 -21.67 -0.42
CA VAL D 143 8.30 -22.39 -1.61
C VAL D 143 8.24 -23.90 -1.39
N PRO D 144 9.25 -24.57 -0.81
CA PRO D 144 9.11 -26.02 -0.58
C PRO D 144 7.97 -26.39 0.37
N LEU D 145 7.68 -25.55 1.37
CA LEU D 145 6.58 -25.85 2.29
C LEU D 145 5.23 -25.75 1.60
N VAL D 146 5.08 -24.77 0.71
CA VAL D 146 3.86 -24.69 -0.09
C VAL D 146 3.75 -25.90 -1.01
N GLN D 147 4.85 -26.28 -1.68
CA GLN D 147 4.81 -27.40 -2.61
C GLN D 147 4.44 -28.70 -1.93
N MET D 148 4.76 -28.84 -0.64
CA MET D 148 4.42 -30.04 0.10
C MET D 148 3.05 -29.99 0.75
N GLY D 149 2.35 -28.86 0.68
CA GLY D 149 1.07 -28.72 1.32
C GLY D 149 1.12 -28.40 2.80
N GLU D 150 2.27 -27.98 3.31
CA GLU D 150 2.39 -27.60 4.71
C GLU D 150 1.83 -26.21 4.98
N THR D 151 1.87 -25.32 3.99
CA THR D 151 1.66 -23.89 4.16
C THR D 151 0.72 -23.36 3.08
N ASP D 152 -0.12 -22.40 3.47
CA ASP D 152 -1.01 -21.69 2.56
C ASP D 152 -0.24 -21.02 1.43
N ALA D 153 -0.65 -21.26 0.19
CA ALA D 153 0.06 -20.69 -0.96
C ALA D 153 0.09 -19.17 -0.92
N ASN D 154 -0.87 -18.52 -0.25
CA ASN D 154 -0.81 -17.07 -0.17
C ASN D 154 0.41 -16.57 0.59
N VAL D 155 0.99 -17.38 1.48
CA VAL D 155 2.21 -16.94 2.16
C VAL D 155 3.31 -16.69 1.14
N ALA D 156 3.52 -17.63 0.21
CA ALA D 156 4.53 -17.45 -0.82
C ALA D 156 4.19 -16.28 -1.73
N LYS D 157 2.91 -16.13 -2.08
CA LYS D 157 2.51 -15.00 -2.92
C LYS D 157 2.80 -13.67 -2.25
N PHE D 158 2.57 -13.59 -0.94
CA PHE D 158 2.84 -12.36 -0.22
C PHE D 158 4.32 -12.01 -0.26
N LEU D 159 5.19 -13.00 0.00
CA LEU D 159 6.62 -12.73 -0.03
C LEU D 159 7.09 -12.38 -1.44
N ASN D 160 6.54 -13.03 -2.47
CA ASN D 160 6.85 -12.61 -3.84
C ASN D 160 6.48 -11.14 -4.05
N ARG D 161 5.28 -10.75 -3.63
CA ARG D 161 4.86 -9.37 -3.83
C ARG D 161 5.67 -8.41 -2.98
N LEU D 162 6.08 -8.86 -1.79
CA LEU D 162 6.82 -7.97 -0.89
C LEU D 162 8.19 -7.59 -1.45
N SER D 163 8.85 -8.52 -2.14
N SER D 163 8.86 -8.49 -2.17
CA SER D 163 10.11 -8.16 -2.78
CA SER D 163 10.14 -8.09 -2.74
C SER D 163 9.91 -7.03 -3.79
C SER D 163 9.97 -7.08 -3.87
N ASP D 164 8.83 -7.11 -4.57
CA ASP D 164 8.51 -6.05 -5.53
C ASP D 164 8.23 -4.73 -4.82
N TYR D 165 7.55 -4.80 -3.66
CA TYR D 165 7.29 -3.58 -2.89
C TYR D 165 8.59 -2.98 -2.38
N LEU D 166 9.48 -3.81 -1.83
CA LEU D 166 10.73 -3.28 -1.30
C LEU D 166 11.59 -2.68 -2.42
N PHE D 167 11.57 -3.32 -3.59
CA PHE D 167 12.30 -2.78 -4.74
C PHE D 167 11.75 -1.41 -5.13
N THR D 168 10.42 -1.30 -5.20
CA THR D 168 9.80 -0.05 -5.60
C THR D 168 10.00 1.04 -4.56
N LEU D 169 9.90 0.67 -3.29
CA LEU D 169 10.12 1.64 -2.21
C LEU D 169 11.55 2.13 -2.18
N ALA D 170 12.51 1.25 -2.46
CA ALA D 170 13.90 1.68 -2.56
C ALA D 170 14.08 2.72 -3.67
N ARG D 171 13.49 2.46 -4.84
CA ARG D 171 13.55 3.42 -5.93
C ARG D 171 12.91 4.74 -5.54
N TYR D 172 11.80 4.67 -4.80
CA TYR D 172 11.09 5.87 -4.37
C TYR D 172 11.94 6.68 -3.41
N ALA D 173 12.58 6.01 -2.44
CA ALA D 173 13.44 6.73 -1.49
C ALA D 173 14.61 7.38 -2.21
N ALA D 174 15.21 6.68 -3.18
CA ALA D 174 16.33 7.25 -3.91
C ALA D 174 15.90 8.46 -4.74
N MET D 175 14.69 8.43 -5.29
N MET D 175 14.69 8.43 -5.29
CA MET D 175 14.19 9.56 -6.06
CA MET D 175 14.20 9.57 -6.07
C MET D 175 13.95 10.77 -5.17
C MET D 175 13.95 10.78 -5.16
N LYS D 176 13.36 10.56 -4.00
CA LYS D 176 13.12 11.67 -3.08
C LYS D 176 14.42 12.28 -2.58
N GLU D 177 15.48 11.50 -2.49
CA GLU D 177 16.78 12.00 -2.06
C GLU D 177 17.59 12.65 -3.18
N GLY D 178 17.15 12.57 -4.43
CA GLY D 178 17.90 13.14 -5.53
C GLY D 178 18.98 12.25 -6.11
N ASN D 179 18.98 10.96 -5.77
CA ASN D 179 20.01 10.04 -6.21
C ASN D 179 19.59 9.37 -7.51
N GLN D 180 20.38 9.60 -8.57
CA GLN D 180 20.03 9.09 -9.89
C GLN D 180 20.31 7.61 -9.98
N GLU D 181 19.36 6.86 -10.54
CA GLU D 181 19.48 5.41 -10.62
C GLU D 181 20.72 5.01 -11.42
N LYS D 182 21.40 3.98 -10.96
CA LYS D 182 22.59 3.46 -11.61
C LYS D 182 22.19 2.34 -12.57
N ILE D 183 22.62 2.47 -13.83
CA ILE D 183 22.37 1.44 -14.84
C ILE D 183 23.72 0.90 -15.29
N TYR D 184 23.87 -0.41 -15.23
CA TYR D 184 25.05 -1.09 -15.77
C TYR D 184 24.60 -2.23 -16.66
N MET D 185 25.24 -2.37 -17.81
CA MET D 185 25.13 -3.57 -18.60
C MET D 185 26.52 -4.05 -18.99
N LYS D 186 26.60 -5.31 -19.37
CA LYS D 186 27.87 -5.97 -19.61
C LYS D 186 28.25 -5.85 -21.09
N ASN D 187 29.52 -5.56 -21.33
CA ASN D 187 30.05 -5.68 -22.68
C ASN D 187 30.04 -7.14 -23.10
N ASP D 188 29.76 -7.38 -24.37
CA ASP D 188 29.51 -8.73 -24.88
C ASP D 188 30.64 -9.72 -24.55
N PRO E 2 -29.72 -9.03 -27.66
CA PRO E 2 -30.39 -10.31 -27.37
C PRO E 2 -31.49 -10.15 -26.33
N LYS E 3 -32.64 -10.76 -26.60
CA LYS E 3 -33.78 -10.62 -25.70
C LYS E 3 -33.53 -11.38 -24.41
N ILE E 4 -34.16 -10.89 -23.33
CA ILE E 4 -34.02 -11.50 -22.01
C ILE E 4 -34.49 -12.95 -22.03
N TYR E 5 -35.50 -13.25 -22.84
CA TYR E 5 -36.00 -14.62 -22.94
C TYR E 5 -35.24 -15.34 -24.04
N THR E 6 -34.24 -16.13 -23.64
CA THR E 6 -33.49 -16.93 -24.62
C THR E 6 -34.28 -18.14 -25.06
N LYS E 7 -35.24 -18.58 -24.26
CA LYS E 7 -36.05 -19.79 -24.44
C LYS E 7 -35.25 -21.06 -24.24
N THR E 8 -33.96 -20.97 -23.88
CA THR E 8 -33.19 -22.19 -23.65
C THR E 8 -33.63 -22.91 -22.38
N GLY E 9 -34.35 -22.23 -21.48
CA GLY E 9 -34.90 -22.82 -20.28
C GLY E 9 -36.32 -23.32 -20.44
N ASP E 10 -36.84 -23.28 -21.67
CA ASP E 10 -38.25 -23.54 -21.92
C ASP E 10 -38.62 -25.01 -21.77
N LYS E 11 -37.66 -25.92 -21.88
CA LYS E 11 -37.94 -27.35 -21.74
C LYS E 11 -37.53 -27.91 -20.38
N GLY E 12 -37.31 -27.03 -19.40
CA GLY E 12 -37.13 -27.45 -18.02
C GLY E 12 -35.71 -27.69 -17.58
N PHE E 13 -34.71 -27.24 -18.35
CA PHE E 13 -33.31 -27.35 -17.94
C PHE E 13 -32.72 -25.96 -17.82
N SER E 14 -31.64 -25.84 -17.04
CA SER E 14 -31.01 -24.54 -16.90
C SER E 14 -29.52 -24.76 -16.59
N SER E 15 -28.73 -23.70 -16.72
CA SER E 15 -27.28 -23.76 -16.51
C SER E 15 -26.86 -23.30 -15.12
N THR E 16 -25.91 -24.03 -14.55
CA THR E 16 -25.14 -23.57 -13.41
C THR E 16 -23.96 -22.74 -13.89
N PHE E 17 -23.26 -22.10 -12.94
N PHE E 17 -23.25 -22.12 -12.94
CA PHE E 17 -22.10 -21.29 -13.29
CA PHE E 17 -22.11 -21.29 -13.29
C PHE E 17 -20.95 -22.13 -13.84
C PHE E 17 -20.89 -22.10 -13.71
N THR E 18 -20.88 -23.42 -13.51
CA THR E 18 -19.83 -24.25 -14.07
C THR E 18 -20.08 -24.60 -15.53
N GLY E 19 -21.25 -24.25 -16.06
CA GLY E 19 -21.66 -24.70 -17.37
C GLY E 19 -22.47 -25.97 -17.37
N GLU E 20 -22.43 -26.74 -16.28
CA GLU E 20 -23.27 -27.94 -16.17
C GLU E 20 -24.74 -27.55 -16.25
N ARG E 21 -25.52 -28.33 -17.01
CA ARG E 21 -26.95 -28.13 -17.11
C ARG E 21 -27.68 -29.20 -16.31
N ARG E 22 -28.75 -28.81 -15.64
CA ARG E 22 -29.52 -29.68 -14.76
C ARG E 22 -31.00 -29.35 -14.94
N PRO E 23 -31.89 -30.30 -14.66
CA PRO E 23 -33.32 -29.97 -14.61
C PRO E 23 -33.57 -28.88 -13.59
N LYS E 24 -34.56 -28.04 -13.87
CA LYS E 24 -34.82 -26.88 -13.02
C LYS E 24 -35.29 -27.23 -11.62
N ASP E 25 -35.76 -28.46 -11.38
CA ASP E 25 -36.15 -28.84 -10.03
C ASP E 25 -35.00 -29.45 -9.24
N ASP E 26 -33.78 -29.45 -9.79
CA ASP E 26 -32.61 -29.93 -9.06
C ASP E 26 -32.39 -29.14 -7.78
N GLN E 27 -31.81 -29.83 -6.78
CA GLN E 27 -31.56 -29.21 -5.48
C GLN E 27 -30.72 -27.92 -5.61
N VAL E 28 -29.86 -27.84 -6.62
N VAL E 28 -29.87 -27.82 -6.63
CA VAL E 28 -29.07 -26.61 -6.80
CA VAL E 28 -29.07 -26.59 -6.75
C VAL E 28 -29.99 -25.43 -7.05
C VAL E 28 -29.95 -25.40 -7.09
N PHE E 29 -30.93 -25.58 -7.97
CA PHE E 29 -31.80 -24.45 -8.31
C PHE E 29 -32.83 -24.18 -7.21
N GLU E 30 -33.25 -25.20 -6.46
CA GLU E 30 -34.06 -24.94 -5.28
C GLU E 30 -33.31 -24.05 -4.28
N ALA E 31 -32.01 -24.30 -4.09
CA ALA E 31 -31.23 -23.50 -3.16
C ALA E 31 -30.97 -22.10 -3.70
N VAL E 32 -30.50 -21.99 -4.96
CA VAL E 32 -30.32 -20.68 -5.59
C VAL E 32 -31.61 -19.89 -5.53
N GLY E 33 -32.72 -20.53 -5.90
CA GLY E 33 -33.98 -19.81 -5.99
C GLY E 33 -34.47 -19.35 -4.64
N THR E 34 -34.32 -20.20 -3.60
CA THR E 34 -34.80 -19.80 -2.28
C THR E 34 -33.92 -18.70 -1.69
N THR E 35 -32.63 -18.69 -2.03
CA THR E 35 -31.77 -17.59 -1.61
C THR E 35 -32.20 -16.29 -2.26
N ASP E 36 -32.57 -16.34 -3.54
CA ASP E 36 -33.10 -15.17 -4.23
C ASP E 36 -34.42 -14.72 -3.63
N GLU E 37 -35.28 -15.66 -3.26
CA GLU E 37 -36.53 -15.32 -2.59
C GLU E 37 -36.27 -14.58 -1.28
N LEU E 38 -35.29 -15.04 -0.51
CA LEU E 38 -34.90 -14.35 0.72
C LEU E 38 -34.40 -12.94 0.43
N SER E 39 -33.51 -12.80 -0.55
CA SER E 39 -33.01 -11.47 -0.87
C SER E 39 -34.14 -10.55 -1.29
N SER E 40 -35.12 -11.09 -2.00
CA SER E 40 -36.24 -10.27 -2.48
C SER E 40 -37.14 -9.86 -1.32
N ALA E 41 -37.37 -10.77 -0.38
CA ALA E 41 -38.13 -10.43 0.82
C ALA E 41 -37.41 -9.34 1.61
N ILE E 42 -36.08 -9.43 1.70
CA ILE E 42 -35.31 -8.41 2.40
C ILE E 42 -35.41 -7.08 1.65
N GLY E 43 -35.41 -7.13 0.33
CA GLY E 43 -35.53 -5.91 -0.45
C GLY E 43 -36.83 -5.18 -0.17
N PHE E 44 -37.93 -5.91 -0.01
CA PHE E 44 -39.19 -5.26 0.33
C PHE E 44 -39.15 -4.71 1.75
N ALA E 45 -38.63 -5.48 2.71
CA ALA E 45 -38.47 -4.98 4.07
C ALA E 45 -37.60 -3.72 4.09
N LEU E 46 -36.58 -3.68 3.23
CA LEU E 46 -35.69 -2.52 3.14
C LEU E 46 -36.45 -1.28 2.73
N GLU E 47 -37.46 -1.44 1.86
CA GLU E 47 -38.24 -0.27 1.45
C GLU E 47 -39.04 0.29 2.61
N LEU E 48 -39.46 -0.55 3.55
CA LEU E 48 -40.19 -0.08 4.73
C LEU E 48 -39.25 0.58 5.74
N VAL E 49 -38.01 0.11 5.83
CA VAL E 49 -37.01 0.74 6.69
C VAL E 49 -36.71 2.13 6.19
N THR E 50 -36.37 2.23 4.90
CA THR E 50 -35.94 3.50 4.31
C THR E 50 -36.99 4.58 4.47
N GLU E 51 -38.27 4.22 4.35
CA GLU E 51 -39.29 5.26 4.44
C GLU E 51 -39.64 5.64 5.87
N LYS E 52 -39.50 4.72 6.83
CA LYS E 52 -40.00 4.93 8.18
C LYS E 52 -38.94 5.49 9.14
N GLY E 53 -37.73 5.77 8.67
CA GLY E 53 -36.75 6.43 9.52
C GLY E 53 -35.91 5.54 10.40
N HIS E 54 -35.97 4.23 10.23
CA HIS E 54 -34.95 3.39 10.85
C HIS E 54 -33.62 3.60 10.10
N THR E 55 -32.53 3.18 10.73
CA THR E 55 -31.19 3.54 10.26
C THR E 55 -30.36 2.37 9.73
N PHE E 56 -30.86 1.14 9.82
CA PHE E 56 -30.06 -0.04 9.50
C PHE E 56 -30.23 -0.49 8.06
N ALA E 57 -30.71 0.39 7.18
CA ALA E 57 -30.88 0.02 5.78
C ALA E 57 -29.57 -0.44 5.16
N GLU E 58 -28.46 0.20 5.52
CA GLU E 58 -27.19 -0.15 4.90
C GLU E 58 -26.78 -1.58 5.24
N GLU E 59 -27.13 -2.05 6.44
CA GLU E 59 -26.80 -3.42 6.82
C GLU E 59 -27.58 -4.42 5.96
N LEU E 60 -28.86 -4.13 5.72
CA LEU E 60 -29.65 -5.05 4.91
C LEU E 60 -29.17 -5.07 3.46
N GLN E 61 -28.73 -3.91 2.93
CA GLN E 61 -28.19 -3.88 1.58
C GLN E 61 -26.89 -4.69 1.47
N LYS E 62 -26.02 -4.57 2.48
CA LYS E 62 -24.81 -5.39 2.52
C LYS E 62 -25.15 -6.88 2.55
N ILE E 63 -26.19 -7.24 3.31
CA ILE E 63 -26.62 -8.64 3.37
C ILE E 63 -27.10 -9.11 2.00
N GLN E 64 -27.83 -8.26 1.27
CA GLN E 64 -28.24 -8.65 -0.08
C GLN E 64 -27.03 -8.91 -0.99
N CYS E 65 -25.97 -8.11 -0.83
CA CYS E 65 -24.76 -8.35 -1.61
C CYS E 65 -24.17 -9.70 -1.27
N THR E 66 -24.06 -10.01 0.02
CA THR E 66 -23.55 -11.33 0.39
C THR E 66 -24.50 -12.43 -0.06
N LEU E 67 -25.81 -12.17 -0.07
CA LEU E 67 -26.72 -13.21 -0.56
C LEU E 67 -26.52 -13.47 -2.04
N GLN E 68 -26.07 -12.46 -2.78
CA GLN E 68 -25.71 -12.75 -4.17
C GLN E 68 -24.48 -13.64 -4.24
N ASP E 69 -23.51 -13.42 -3.35
CA ASP E 69 -22.35 -14.31 -3.29
C ASP E 69 -22.77 -15.72 -2.87
N VAL E 70 -23.74 -15.83 -1.96
CA VAL E 70 -24.30 -17.14 -1.60
C VAL E 70 -24.87 -17.82 -2.84
N GLY E 71 -25.69 -17.08 -3.59
CA GLY E 71 -26.29 -17.66 -4.78
C GLY E 71 -25.26 -18.08 -5.81
N SER E 72 -24.20 -17.29 -5.96
CA SER E 72 -23.14 -17.64 -6.90
C SER E 72 -22.43 -18.91 -6.47
N ALA E 73 -22.15 -19.05 -5.18
CA ALA E 73 -21.49 -20.25 -4.69
C ALA E 73 -22.38 -21.48 -4.88
N LEU E 74 -23.67 -21.34 -4.53
CA LEU E 74 -24.61 -22.44 -4.72
C LEU E 74 -24.70 -22.84 -6.18
N ALA E 75 -24.64 -21.86 -7.08
CA ALA E 75 -24.70 -22.13 -8.50
C ALA E 75 -23.40 -22.69 -9.06
N THR E 76 -22.40 -22.93 -8.21
CA THR E 76 -21.12 -23.49 -8.64
C THR E 76 -20.88 -24.80 -7.92
N PRO E 77 -21.63 -25.86 -8.25
CA PRO E 77 -21.48 -27.13 -7.52
C PRO E 77 -20.08 -27.72 -7.72
N CYS E 78 -19.51 -28.21 -6.62
CA CYS E 78 -18.15 -28.74 -6.67
C CYS E 78 -18.03 -29.91 -7.65
N SER E 79 -19.11 -30.68 -7.83
CA SER E 79 -19.01 -31.89 -8.65
C SER E 79 -18.76 -31.58 -10.12
N SER E 80 -19.04 -30.35 -10.58
CA SER E 80 -18.81 -30.01 -11.98
C SER E 80 -17.89 -28.80 -12.14
N ALA E 81 -17.16 -28.43 -11.09
CA ALA E 81 -16.38 -27.20 -11.09
C ALA E 81 -14.94 -27.46 -11.54
N ARG E 82 -14.49 -26.68 -12.52
CA ARG E 82 -13.08 -26.64 -12.89
C ARG E 82 -12.29 -25.84 -11.86
N GLU E 83 -10.97 -25.89 -12.02
CA GLU E 83 -10.07 -25.03 -11.25
C GLU E 83 -10.56 -23.59 -11.21
N ALA E 84 -10.83 -23.01 -12.38
CA ALA E 84 -11.20 -21.60 -12.47
C ALA E 84 -12.54 -21.30 -11.84
N HIS E 85 -13.43 -22.29 -11.74
CA HIS E 85 -14.74 -22.07 -11.12
C HIS E 85 -14.67 -22.00 -9.61
N LEU E 86 -13.74 -22.74 -8.99
CA LEU E 86 -13.73 -22.85 -7.55
C LEU E 86 -13.39 -21.54 -6.87
N LYS E 87 -12.94 -20.53 -7.61
CA LYS E 87 -12.89 -19.18 -7.06
C LYS E 87 -14.26 -18.72 -6.58
N TYR E 88 -15.32 -19.18 -7.24
CA TYR E 88 -16.68 -18.83 -6.84
C TYR E 88 -17.27 -19.77 -5.80
N THR E 89 -16.72 -20.98 -5.66
CA THR E 89 -17.22 -21.91 -4.65
C THR E 89 -16.76 -21.55 -3.25
N THR E 90 -15.57 -20.96 -3.13
CA THR E 90 -15.06 -20.55 -1.83
C THR E 90 -15.89 -19.39 -1.30
N PHE E 91 -16.59 -19.64 -0.21
CA PHE E 91 -17.38 -18.62 0.45
C PHE E 91 -16.66 -18.26 1.75
N LYS E 92 -16.11 -17.06 1.81
CA LYS E 92 -15.30 -16.64 2.95
C LYS E 92 -16.19 -16.33 4.16
N ALA E 93 -15.62 -16.51 5.35
CA ALA E 93 -16.41 -16.43 6.59
C ALA E 93 -16.55 -15.02 7.14
N GLY E 94 -15.83 -14.03 6.58
CA GLY E 94 -15.91 -12.66 7.05
C GLY E 94 -17.31 -12.14 7.35
N PRO E 95 -18.25 -12.32 6.42
CA PRO E 95 -19.63 -11.85 6.68
C PRO E 95 -20.30 -12.51 7.86
N ILE E 96 -19.93 -13.75 8.19
CA ILE E 96 -20.51 -14.40 9.36
C ILE E 96 -20.10 -13.66 10.63
N LEU E 97 -18.81 -13.32 10.73
N LEU E 97 -18.81 -13.34 10.72
CA LEU E 97 -18.32 -12.60 11.90
CA LEU E 97 -18.30 -12.60 11.88
C LEU E 97 -18.96 -11.22 12.00
C LEU E 97 -18.97 -11.23 12.00
N GLU E 98 -19.18 -10.56 10.86
CA GLU E 98 -19.82 -9.25 10.90
C GLU E 98 -21.27 -9.36 11.39
N LEU E 99 -21.98 -10.40 10.98
CA LEU E 99 -23.32 -10.62 11.51
C LEU E 99 -23.30 -10.78 13.03
N GLU E 100 -22.31 -11.51 13.54
CA GLU E 100 -22.23 -11.71 14.99
C GLU E 100 -21.97 -10.39 15.70
N GLN E 101 -21.11 -9.54 15.13
CA GLN E 101 -20.85 -8.23 15.72
C GLN E 101 -22.12 -7.37 15.72
N TRP E 102 -22.90 -7.42 14.64
CA TRP E 102 -24.14 -6.65 14.61
C TRP E 102 -25.17 -7.20 15.59
N ILE E 103 -25.29 -8.52 15.67
CA ILE E 103 -26.18 -9.14 16.67
C ILE E 103 -25.82 -8.69 18.07
N ASP E 104 -24.51 -8.70 18.39
CA ASP E 104 -24.05 -8.24 19.70
C ASP E 104 -24.44 -6.79 19.94
N LYS E 105 -24.28 -5.95 18.90
CA LYS E 105 -24.56 -4.52 19.06
C LYS E 105 -26.02 -4.27 19.44
N TYR E 106 -26.95 -4.96 18.78
CA TYR E 106 -28.37 -4.77 19.08
C TYR E 106 -28.78 -5.45 20.37
N THR E 107 -28.19 -6.61 20.66
CA THR E 107 -28.54 -7.36 21.86
C THR E 107 -28.26 -6.55 23.12
N SER E 108 -27.19 -5.75 23.11
CA SER E 108 -26.89 -4.90 24.24
C SER E 108 -28.04 -3.95 24.57
N GLN E 109 -28.85 -3.59 23.57
CA GLN E 109 -29.91 -2.61 23.74
C GLN E 109 -31.28 -3.24 23.94
N LEU E 110 -31.37 -4.55 23.91
CA LEU E 110 -32.65 -5.22 24.02
C LEU E 110 -32.83 -5.84 25.39
N PRO E 111 -34.06 -6.05 25.83
CA PRO E 111 -34.30 -6.80 27.06
C PRO E 111 -33.87 -8.24 26.90
N PRO E 112 -33.74 -8.99 28.00
CA PRO E 112 -33.31 -10.39 27.88
C PRO E 112 -34.36 -11.24 27.18
N LEU E 113 -33.92 -12.07 26.24
CA LEU E 113 -34.80 -13.04 25.62
C LEU E 113 -34.96 -14.24 26.54
N THR E 114 -36.21 -14.55 26.88
CA THR E 114 -36.54 -15.58 27.85
C THR E 114 -37.40 -16.68 27.25
N ALA E 115 -38.52 -16.32 26.65
CA ALA E 115 -39.50 -17.25 26.13
C ALA E 115 -39.69 -17.01 24.64
N PHE E 116 -40.56 -17.80 24.04
CA PHE E 116 -40.94 -17.56 22.65
C PHE E 116 -41.76 -16.28 22.56
N ILE E 117 -41.57 -15.55 21.45
CA ILE E 117 -42.35 -14.36 21.18
C ILE E 117 -43.14 -14.59 19.90
N LEU E 118 -44.24 -13.84 19.75
CA LEU E 118 -44.98 -13.90 18.50
C LEU E 118 -44.30 -13.01 17.46
N PRO E 119 -44.37 -13.40 16.18
CA PRO E 119 -43.86 -12.50 15.13
C PRO E 119 -44.75 -11.28 14.99
N SER E 120 -44.28 -10.15 15.51
CA SER E 120 -45.13 -8.96 15.65
C SER E 120 -44.21 -7.74 15.74
N GLY E 121 -44.71 -6.67 16.35
CA GLY E 121 -43.89 -5.53 16.70
C GLY E 121 -43.92 -4.35 15.75
N GLY E 122 -44.90 -4.25 14.88
CA GLY E 122 -44.95 -3.20 13.89
C GLY E 122 -44.68 -3.74 12.49
N LYS E 123 -44.86 -2.85 11.52
CA LYS E 123 -44.78 -3.28 10.12
C LYS E 123 -43.38 -3.78 9.76
N ILE E 124 -42.34 -3.03 10.14
CA ILE E 124 -41.00 -3.42 9.75
C ILE E 124 -40.56 -4.69 10.49
N SER E 125 -40.84 -4.75 11.79
CA SER E 125 -40.49 -5.94 12.57
C SER E 125 -41.20 -7.17 12.02
N SER E 126 -42.49 -7.03 11.69
CA SER E 126 -43.23 -8.15 11.10
C SER E 126 -42.63 -8.59 9.78
N ALA E 127 -42.27 -7.63 8.91
CA ALA E 127 -41.63 -7.98 7.65
C ALA E 127 -40.33 -8.73 7.89
N LEU E 128 -39.56 -8.31 8.90
CA LEU E 128 -38.27 -8.94 9.15
C LEU E 128 -38.44 -10.34 9.75
N HIS E 129 -39.51 -10.56 10.52
CA HIS E 129 -39.80 -11.92 10.96
C HIS E 129 -40.15 -12.82 9.80
N PHE E 130 -40.86 -12.29 8.80
CA PHE E 130 -41.11 -13.08 7.61
C PHE E 130 -39.80 -13.39 6.87
N CYS E 131 -38.94 -12.38 6.72
CA CYS E 131 -37.60 -12.60 6.15
C CYS E 131 -36.87 -13.71 6.90
N ARG E 132 -36.93 -13.66 8.23
CA ARG E 132 -36.30 -14.68 9.06
C ARG E 132 -36.80 -16.08 8.71
N ALA E 133 -38.13 -16.24 8.57
CA ALA E 133 -38.68 -17.53 8.23
C ALA E 133 -38.23 -17.99 6.85
N VAL E 134 -38.17 -17.07 5.88
CA VAL E 134 -37.70 -17.45 4.55
C VAL E 134 -36.23 -17.83 4.61
N CYS E 135 -35.45 -17.11 5.44
CA CYS E 135 -34.04 -17.46 5.63
C CYS E 135 -33.88 -18.88 6.19
N CYS E 136 -34.69 -19.24 7.19
CA CYS E 136 -34.65 -20.61 7.70
C CYS E 136 -34.97 -21.61 6.59
N ARG E 137 -35.92 -21.26 5.70
CA ARG E 137 -36.23 -22.14 4.59
C ARG E 137 -35.04 -22.27 3.65
N ALA E 138 -34.36 -21.15 3.35
CA ALA E 138 -33.15 -21.22 2.53
C ALA E 138 -32.10 -22.12 3.17
N GLU E 139 -31.93 -22.01 4.49
CA GLU E 139 -30.98 -22.89 5.17
C GLU E 139 -31.33 -24.36 4.95
N ARG E 140 -32.62 -24.70 5.08
CA ARG E 140 -33.03 -26.10 4.87
C ARG E 140 -32.70 -26.56 3.45
N ARG E 141 -32.74 -25.66 2.47
CA ARG E 141 -32.42 -26.04 1.10
C ARG E 141 -30.92 -26.21 0.85
N VAL E 142 -30.08 -25.53 1.62
CA VAL E 142 -28.63 -25.61 1.46
C VAL E 142 -28.06 -26.82 2.19
N VAL E 143 -28.70 -27.24 3.29
CA VAL E 143 -28.18 -28.36 4.08
C VAL E 143 -27.88 -29.61 3.24
N PRO E 144 -28.76 -30.07 2.35
CA PRO E 144 -28.41 -31.27 1.58
C PRO E 144 -27.25 -31.06 0.63
N LEU E 145 -27.07 -29.84 0.08
CA LEU E 145 -25.93 -29.59 -0.80
C LEU E 145 -24.62 -29.66 -0.04
N VAL E 146 -24.60 -29.16 1.19
CA VAL E 146 -23.39 -29.26 2.00
C VAL E 146 -23.12 -30.72 2.36
N GLN E 147 -24.17 -31.49 2.70
CA GLN E 147 -23.99 -32.91 3.01
C GLN E 147 -23.47 -33.71 1.83
N MET E 148 -23.79 -33.30 0.61
CA MET E 148 -23.33 -34.01 -0.57
C MET E 148 -21.97 -33.53 -1.06
N GLY E 149 -21.34 -32.61 -0.34
CA GLY E 149 -20.07 -32.06 -0.77
C GLY E 149 -20.15 -31.12 -1.93
N GLU E 150 -21.33 -30.59 -2.24
CA GLU E 150 -21.46 -29.70 -3.39
C GLU E 150 -21.12 -28.26 -3.05
N THR E 151 -21.25 -27.88 -1.78
CA THR E 151 -21.27 -26.49 -1.34
C THR E 151 -20.44 -26.34 -0.08
N ASP E 152 -19.71 -25.22 0.00
CA ASP E 152 -18.93 -24.85 1.19
C ASP E 152 -19.83 -24.77 2.42
N ALA E 153 -19.42 -25.42 3.51
CA ALA E 153 -20.18 -25.38 4.74
C ALA E 153 -20.42 -23.95 5.23
N ASN E 154 -19.53 -23.01 4.89
CA ASN E 154 -19.71 -21.64 5.37
C ASN E 154 -20.96 -20.99 4.79
N VAL E 155 -21.43 -21.45 3.64
CA VAL E 155 -22.69 -20.92 3.10
C VAL E 155 -23.84 -21.21 4.08
N ALA E 156 -23.93 -22.44 4.56
CA ALA E 156 -24.99 -22.78 5.51
C ALA E 156 -24.79 -22.08 6.85
N LYS E 157 -23.53 -21.92 7.29
CA LYS E 157 -23.27 -21.21 8.54
C LYS E 157 -23.74 -19.76 8.42
N PHE E 158 -23.48 -19.12 7.28
CA PHE E 158 -23.95 -17.75 7.09
C PHE E 158 -25.47 -17.65 7.18
N LEU E 159 -26.20 -18.57 6.54
CA LEU E 159 -27.66 -18.52 6.58
C LEU E 159 -28.18 -18.81 7.98
N ASN E 160 -27.55 -19.73 8.71
CA ASN E 160 -27.91 -19.95 10.10
C ASN E 160 -27.74 -18.66 10.91
N ARG E 161 -26.59 -18.01 10.76
CA ARG E 161 -26.37 -16.78 11.53
C ARG E 161 -27.31 -15.67 11.07
N LEU E 162 -27.66 -15.65 9.79
CA LEU E 162 -28.51 -14.57 9.28
C LEU E 162 -29.91 -14.64 9.87
N SER E 163 -30.44 -15.84 10.08
N SER E 163 -30.45 -15.83 10.12
CA SER E 163 -31.73 -15.96 10.76
CA SER E 163 -31.77 -15.87 10.73
C SER E 163 -31.68 -15.29 12.12
C SER E 163 -31.74 -15.36 12.17
N ASP E 164 -30.61 -15.52 12.88
CA ASP E 164 -30.46 -14.89 14.19
C ASP E 164 -30.36 -13.38 14.05
N TYR E 165 -29.65 -12.89 13.03
CA TYR E 165 -29.58 -11.44 12.81
C TYR E 165 -30.97 -10.87 12.52
N LEU E 166 -31.74 -11.51 11.63
CA LEU E 166 -33.05 -10.98 11.28
C LEU E 166 -33.98 -10.98 12.48
N PHE E 167 -33.95 -12.05 13.28
CA PHE E 167 -34.69 -12.11 14.53
C PHE E 167 -34.34 -10.93 15.44
N THR E 168 -33.04 -10.69 15.64
CA THR E 168 -32.59 -9.64 16.53
C THR E 168 -32.95 -8.27 15.99
N LEU E 169 -32.79 -8.08 14.67
CA LEU E 169 -33.13 -6.79 14.08
C LEU E 169 -34.62 -6.52 14.18
N ALA E 170 -35.45 -7.56 14.04
CA ALA E 170 -36.89 -7.38 14.22
C ALA E 170 -37.21 -6.92 15.64
N ARG E 171 -36.60 -7.54 16.65
CA ARG E 171 -36.81 -7.13 18.02
C ARG E 171 -36.32 -5.70 18.25
N TYR E 172 -35.19 -5.34 17.62
CA TYR E 172 -34.68 -3.99 17.76
C TYR E 172 -35.64 -2.96 17.16
N ALA E 173 -36.14 -3.25 15.96
CA ALA E 173 -37.07 -2.33 15.30
C ALA E 173 -38.34 -2.15 16.13
N ALA E 174 -38.85 -3.24 16.70
CA ALA E 174 -40.06 -3.15 17.51
C ALA E 174 -39.82 -2.32 18.77
N MET E 175 -38.64 -2.48 19.37
N MET E 175 -38.64 -2.47 19.37
CA MET E 175 -38.31 -1.71 20.56
CA MET E 175 -38.33 -1.70 20.57
C MET E 175 -38.23 -0.23 20.24
C MET E 175 -38.23 -0.22 20.24
N LYS E 176 -37.59 0.13 19.12
CA LYS E 176 -37.46 1.54 18.76
C LYS E 176 -38.80 2.18 18.47
N GLU E 177 -39.77 1.39 17.99
CA GLU E 177 -41.12 1.88 17.75
C GLU E 177 -41.99 1.89 18.99
N GLY E 178 -41.52 1.35 20.11
CA GLY E 178 -42.26 1.33 21.34
C GLY E 178 -43.19 0.16 21.52
N ASN E 179 -43.06 -0.88 20.69
CA ASN E 179 -43.95 -2.03 20.74
C ASN E 179 -43.35 -3.12 21.62
N GLN E 180 -44.05 -3.46 22.69
CA GLN E 180 -43.57 -4.49 23.61
C GLN E 180 -43.76 -5.89 23.01
N GLU E 181 -42.84 -6.79 23.36
CA GLU E 181 -42.85 -8.12 22.78
C GLU E 181 -44.04 -8.93 23.29
N LYS E 182 -44.67 -9.68 22.38
CA LYS E 182 -45.82 -10.51 22.71
C LYS E 182 -45.35 -11.90 23.11
N ILE E 183 -45.67 -12.32 24.33
CA ILE E 183 -45.25 -13.62 24.83
C ILE E 183 -46.51 -14.42 25.19
N TYR E 184 -46.64 -15.60 24.60
CA TYR E 184 -47.77 -16.48 24.83
C TYR E 184 -47.27 -17.83 25.32
N MET E 185 -47.94 -18.38 26.33
CA MET E 185 -47.60 -19.70 26.86
C MET E 185 -48.86 -20.57 26.89
N LYS E 186 -48.77 -21.76 26.28
CA LYS E 186 -49.90 -22.67 26.26
C LYS E 186 -50.34 -23.02 27.68
N ASN E 187 -51.65 -23.26 27.83
CA ASN E 187 -52.35 -23.49 29.10
C ASN E 187 -52.67 -22.17 29.80
N PRO F 2 -42.91 22.17 -35.25
CA PRO F 2 -42.09 23.37 -35.50
C PRO F 2 -40.60 23.10 -35.36
N LYS F 3 -39.77 23.81 -36.13
CA LYS F 3 -38.35 23.80 -35.85
C LYS F 3 -38.13 24.41 -34.47
N ILE F 4 -37.26 23.77 -33.69
CA ILE F 4 -36.87 24.33 -32.40
C ILE F 4 -36.20 25.70 -32.59
N TYR F 5 -35.55 25.91 -33.74
CA TYR F 5 -34.89 27.19 -34.01
C TYR F 5 -35.90 28.13 -34.67
N THR F 6 -36.54 28.96 -33.84
CA THR F 6 -37.50 29.93 -34.34
C THR F 6 -36.82 31.12 -34.97
N LYS F 7 -35.56 31.36 -34.62
CA LYS F 7 -34.73 32.50 -35.01
C LYS F 7 -35.21 33.80 -34.41
N THR F 8 -36.24 33.80 -33.54
CA THR F 8 -36.66 35.02 -32.87
C THR F 8 -35.62 35.52 -31.88
N GLY F 9 -34.64 34.69 -31.51
CA GLY F 9 -33.52 35.08 -30.68
C GLY F 9 -32.29 35.51 -31.43
N ASP F 10 -32.33 35.54 -32.77
CA ASP F 10 -31.14 35.78 -33.57
C ASP F 10 -30.65 37.23 -33.51
N LYS F 11 -31.45 38.15 -32.99
CA LYS F 11 -31.00 39.54 -32.87
C LYS F 11 -30.70 39.92 -31.43
N GLY F 12 -30.50 38.93 -30.57
CA GLY F 12 -30.00 39.20 -29.24
C GLY F 12 -31.04 39.47 -28.18
N PHE F 13 -32.32 39.22 -28.46
CA PHE F 13 -33.37 39.40 -27.48
C PHE F 13 -34.08 38.08 -27.24
N SER F 14 -34.70 37.97 -26.07
CA SER F 14 -35.47 36.78 -25.74
C SER F 14 -36.66 37.17 -24.88
N SER F 15 -37.50 36.17 -24.57
CA SER F 15 -38.77 36.41 -23.89
C SER F 15 -38.72 35.95 -22.44
N THR F 16 -39.39 36.69 -21.56
CA THR F 16 -39.70 36.22 -20.22
C THR F 16 -41.05 35.52 -20.23
N PHE F 17 -41.34 34.79 -19.14
CA PHE F 17 -42.63 34.13 -19.02
C PHE F 17 -43.77 35.13 -18.88
N THR F 18 -43.47 36.37 -18.49
CA THR F 18 -44.48 37.41 -18.38
C THR F 18 -44.75 38.11 -19.70
N GLY F 19 -44.00 37.77 -20.76
CA GLY F 19 -44.23 38.38 -22.06
C GLY F 19 -43.36 39.58 -22.38
N GLU F 20 -42.41 39.94 -21.52
CA GLU F 20 -41.43 40.95 -21.89
C GLU F 20 -40.46 40.42 -22.92
N ARG F 21 -39.93 41.32 -23.73
CA ARG F 21 -38.72 41.08 -24.51
C ARG F 21 -37.57 41.83 -23.86
N ARG F 22 -36.49 41.11 -23.56
CA ARG F 22 -35.30 41.72 -22.96
C ARG F 22 -34.06 41.25 -23.70
N PRO F 23 -32.99 42.05 -23.72
CA PRO F 23 -31.73 41.57 -24.30
C PRO F 23 -31.24 40.33 -23.57
N LYS F 24 -30.56 39.45 -24.30
CA LYS F 24 -30.12 38.19 -23.71
C LYS F 24 -29.06 38.35 -22.63
N ASP F 25 -28.40 39.50 -22.54
CA ASP F 25 -27.45 39.70 -21.45
C ASP F 25 -28.10 40.32 -20.23
N ASP F 26 -29.43 40.50 -20.23
CA ASP F 26 -30.13 40.98 -19.05
C ASP F 26 -29.90 40.06 -17.86
N GLN F 27 -29.93 40.65 -16.65
N GLN F 27 -29.91 40.64 -16.65
CA GLN F 27 -29.67 39.89 -15.43
CA GLN F 27 -29.64 39.84 -15.45
C GLN F 27 -30.63 38.71 -15.26
C GLN F 27 -30.62 38.69 -15.29
N VAL F 28 -31.85 38.81 -15.81
CA VAL F 28 -32.80 37.69 -15.71
C VAL F 28 -32.25 36.47 -16.44
N PHE F 29 -31.73 36.67 -17.65
CA PHE F 29 -31.22 35.51 -18.40
C PHE F 29 -29.87 35.03 -17.89
N GLU F 30 -29.05 35.91 -17.32
CA GLU F 30 -27.86 35.44 -16.62
C GLU F 30 -28.21 34.50 -15.47
N ALA F 31 -29.27 34.82 -14.72
CA ALA F 31 -29.67 33.98 -13.60
C ALA F 31 -30.31 32.68 -14.08
N VAL F 32 -31.25 32.77 -15.03
CA VAL F 32 -31.86 31.58 -15.61
C VAL F 32 -30.78 30.67 -16.18
N GLY F 33 -29.87 31.25 -16.95
CA GLY F 33 -28.83 30.46 -17.60
C GLY F 33 -27.91 29.77 -16.61
N THR F 34 -27.50 30.48 -15.56
CA THR F 34 -26.56 29.90 -14.61
C THR F 34 -27.23 28.83 -13.75
N THR F 35 -28.53 28.97 -13.49
CA THR F 35 -29.27 27.91 -12.81
C THR F 35 -29.36 26.67 -13.69
N ASP F 36 -29.59 26.87 -14.99
CA ASP F 36 -29.55 25.76 -15.93
C ASP F 36 -28.17 25.10 -15.97
N GLU F 37 -27.11 25.90 -15.95
CA GLU F 37 -25.75 25.35 -15.91
C GLU F 37 -25.56 24.49 -14.66
N LEU F 38 -26.04 24.96 -13.52
CA LEU F 38 -25.97 24.19 -12.28
C LEU F 38 -26.74 22.87 -12.40
N SER F 39 -27.97 22.93 -12.93
CA SER F 39 -28.75 21.71 -13.04
C SER F 39 -28.08 20.71 -13.98
N SER F 40 -27.46 21.21 -15.04
N SER F 40 -27.47 21.20 -15.06
CA SER F 40 -26.79 20.33 -15.99
CA SER F 40 -26.81 20.29 -15.99
C SER F 40 -25.55 19.70 -15.37
C SER F 40 -25.54 19.71 -15.39
N ALA F 41 -24.82 20.48 -14.57
CA ALA F 41 -23.67 19.93 -13.86
C ALA F 41 -24.10 18.85 -12.87
N ILE F 42 -25.20 19.08 -12.15
CA ILE F 42 -25.72 18.06 -11.25
C ILE F 42 -26.15 16.82 -12.02
N GLY F 43 -26.71 17.01 -13.23
CA GLY F 43 -27.10 15.87 -14.04
C GLY F 43 -25.93 14.98 -14.41
N PHE F 44 -24.77 15.59 -14.70
CA PHE F 44 -23.58 14.79 -14.96
C PHE F 44 -23.09 14.09 -13.69
N ALA F 45 -23.09 14.79 -12.57
CA ALA F 45 -22.74 14.17 -11.30
C ALA F 45 -23.66 13.00 -11.02
N LEU F 46 -24.94 13.16 -11.33
CA LEU F 46 -25.94 12.12 -11.11
C LEU F 46 -25.58 10.85 -11.87
N GLU F 47 -25.05 10.98 -13.08
CA GLU F 47 -24.71 9.79 -13.86
C GLU F 47 -23.55 9.03 -13.21
N LEU F 48 -22.59 9.75 -12.62
CA LEU F 48 -21.54 9.10 -11.85
C LEU F 48 -22.12 8.41 -10.62
N VAL F 49 -23.08 9.05 -9.97
CA VAL F 49 -23.68 8.50 -8.75
C VAL F 49 -24.46 7.24 -9.08
N THR F 50 -25.25 7.26 -10.16
CA THR F 50 -26.08 6.10 -10.48
C THR F 50 -25.22 4.92 -10.93
N GLU F 51 -24.07 5.18 -11.56
CA GLU F 51 -23.17 4.08 -11.92
C GLU F 51 -22.69 3.31 -10.69
N LYS F 52 -22.79 3.92 -9.50
CA LYS F 52 -22.45 3.25 -8.26
C LYS F 52 -23.67 2.88 -7.44
N GLY F 53 -24.87 3.20 -7.92
CA GLY F 53 -26.10 2.82 -7.24
C GLY F 53 -26.28 3.42 -5.86
N HIS F 54 -25.88 4.66 -5.68
CA HIS F 54 -26.10 5.34 -4.41
C HIS F 54 -27.53 5.86 -4.35
N THR F 55 -28.18 5.65 -3.21
CA THR F 55 -29.56 6.07 -3.07
C THR F 55 -29.70 7.58 -3.17
N PHE F 56 -28.65 8.33 -2.86
CA PHE F 56 -28.83 9.77 -2.93
C PHE F 56 -28.89 10.29 -4.36
N ALA F 57 -28.82 9.43 -5.37
CA ALA F 57 -29.21 9.85 -6.71
C ALA F 57 -30.62 10.44 -6.73
N GLU F 58 -31.52 9.90 -5.90
CA GLU F 58 -32.88 10.39 -5.87
C GLU F 58 -32.95 11.82 -5.34
N GLU F 59 -32.09 12.16 -4.38
CA GLU F 59 -32.03 13.53 -3.88
C GLU F 59 -31.54 14.48 -4.96
N LEU F 60 -30.52 14.08 -5.73
CA LEU F 60 -30.01 14.93 -6.79
C LEU F 60 -31.07 15.16 -7.87
N GLN F 61 -31.86 14.13 -8.20
CA GLN F 61 -32.89 14.31 -9.20
C GLN F 61 -34.00 15.21 -8.70
N LYS F 62 -34.38 15.09 -7.41
CA LYS F 62 -35.35 16.00 -6.84
C LYS F 62 -34.84 17.44 -6.86
N ILE F 63 -33.55 17.62 -6.61
CA ILE F 63 -32.96 18.96 -6.67
C ILE F 63 -33.03 19.51 -8.08
N GLN F 64 -32.83 18.66 -9.10
CA GLN F 64 -32.97 19.14 -10.48
C GLN F 64 -34.40 19.65 -10.73
N CYS F 65 -35.39 18.97 -10.17
CA CYS F 65 -36.77 19.42 -10.32
C CYS F 65 -36.97 20.78 -9.65
N THR F 66 -36.48 20.94 -8.43
CA THR F 66 -36.58 22.23 -7.77
C THR F 66 -35.82 23.31 -8.54
N LEU F 67 -34.69 22.96 -9.16
CA LEU F 67 -33.99 23.97 -9.95
C LEU F 67 -34.78 24.38 -11.19
N GLN F 68 -35.63 23.49 -11.72
CA GLN F 68 -36.52 23.91 -12.80
C GLN F 68 -37.51 24.95 -12.29
N ASP F 69 -38.04 24.75 -11.08
CA ASP F 69 -38.91 25.76 -10.45
C ASP F 69 -38.16 27.05 -10.19
N VAL F 70 -36.88 26.97 -9.80
CA VAL F 70 -36.07 28.19 -9.63
C VAL F 70 -35.98 28.93 -10.96
N GLY F 71 -35.66 28.21 -12.03
CA GLY F 71 -35.57 28.83 -13.34
C GLY F 71 -36.87 29.48 -13.77
N SER F 72 -37.99 28.81 -13.51
CA SER F 72 -39.30 29.36 -13.87
C SER F 72 -39.59 30.64 -13.08
N ALA F 73 -39.27 30.66 -11.79
CA ALA F 73 -39.41 31.87 -11.00
C ALA F 73 -38.55 33.00 -11.54
N LEU F 74 -37.27 32.71 -11.83
CA LEU F 74 -36.38 33.74 -12.34
C LEU F 74 -36.88 34.30 -13.67
N ALA F 75 -37.47 33.45 -14.51
CA ALA F 75 -37.99 33.86 -15.81
C ALA F 75 -39.32 34.59 -15.72
N THR F 76 -39.86 34.76 -14.51
CA THR F 76 -41.14 35.41 -14.27
C THR F 76 -40.91 36.61 -13.35
N PRO F 77 -40.33 37.69 -13.88
CA PRO F 77 -39.96 38.82 -13.01
C PRO F 77 -41.19 39.53 -12.45
N CYS F 78 -41.11 39.88 -11.16
CA CYS F 78 -42.26 40.43 -10.48
C CYS F 78 -42.68 41.78 -11.08
N SER F 79 -41.74 42.51 -11.69
CA SER F 79 -42.06 43.81 -12.25
C SER F 79 -43.11 43.74 -13.36
N SER F 80 -43.22 42.60 -14.05
CA SER F 80 -44.18 42.44 -15.13
C SER F 80 -45.17 41.31 -14.89
N ALA F 81 -45.12 40.67 -13.73
CA ALA F 81 -46.00 39.54 -13.44
C ALA F 81 -47.43 40.02 -13.18
N ARG F 82 -48.39 39.24 -13.66
N ARG F 82 -48.39 39.24 -13.66
CA ARG F 82 -49.80 39.44 -13.39
CA ARG F 82 -49.80 39.46 -13.36
C ARG F 82 -50.28 38.33 -12.46
C ARG F 82 -50.29 38.31 -12.47
N GLU F 83 -51.58 38.35 -12.14
CA GLU F 83 -52.11 37.49 -11.08
C GLU F 83 -51.84 36.02 -11.32
N ALA F 84 -52.06 35.54 -12.56
CA ALA F 84 -51.88 34.10 -12.79
C ALA F 84 -50.42 33.68 -12.75
N HIS F 85 -49.48 34.62 -12.83
CA HIS F 85 -48.06 34.26 -12.80
C HIS F 85 -47.58 33.90 -11.41
N LEU F 86 -48.41 34.10 -10.38
CA LEU F 86 -48.01 33.78 -9.02
C LEU F 86 -47.69 32.29 -8.84
N LYS F 87 -48.23 31.43 -9.70
CA LYS F 87 -47.86 30.02 -9.67
C LYS F 87 -46.36 29.83 -9.83
N TYR F 88 -45.70 30.71 -10.57
CA TYR F 88 -44.27 30.61 -10.80
C TYR F 88 -43.44 31.54 -9.94
N THR F 89 -43.97 32.71 -9.56
CA THR F 89 -43.19 33.61 -8.72
C THR F 89 -43.12 33.15 -7.27
N THR F 90 -44.14 32.42 -6.80
CA THR F 90 -44.13 31.92 -5.43
C THR F 90 -43.11 30.80 -5.28
N PHE F 91 -42.19 30.96 -4.34
CA PHE F 91 -41.22 29.92 -4.01
C PHE F 91 -41.27 29.73 -2.50
N LYS F 92 -41.91 28.65 -2.05
CA LYS F 92 -42.13 28.43 -0.63
C LYS F 92 -40.86 27.90 0.05
N ALA F 93 -40.89 27.90 1.38
CA ALA F 93 -39.70 27.53 2.16
C ALA F 93 -39.49 26.04 2.26
N GLY F 94 -40.48 25.22 1.90
CA GLY F 94 -40.38 23.78 2.00
C GLY F 94 -39.11 23.14 1.48
N PRO F 95 -38.71 23.45 0.24
CA PRO F 95 -37.47 22.84 -0.28
C PRO F 95 -36.23 23.22 0.50
N ILE F 96 -36.21 24.41 1.12
CA ILE F 96 -35.06 24.81 1.92
C ILE F 96 -34.99 23.96 3.19
N LEU F 97 -36.12 23.80 3.88
CA LEU F 97 -36.15 22.98 5.08
C LEU F 97 -35.76 21.54 4.79
N GLU F 98 -36.13 21.01 3.62
CA GLU F 98 -35.76 19.64 3.30
C GLU F 98 -34.26 19.49 3.10
N LEU F 99 -33.61 20.47 2.45
CA LEU F 99 -32.16 20.44 2.33
C LEU F 99 -31.51 20.43 3.70
N GLU F 100 -32.04 21.22 4.64
CA GLU F 100 -31.47 21.25 5.99
C GLU F 100 -31.60 19.89 6.66
N GLN F 101 -32.75 19.23 6.49
CA GLN F 101 -32.92 17.90 7.04
C GLN F 101 -31.93 16.90 6.43
N TRP F 102 -31.69 17.01 5.12
CA TRP F 102 -30.71 16.13 4.48
C TRP F 102 -29.30 16.44 4.96
N ILE F 103 -28.96 17.72 5.07
CA ILE F 103 -27.66 18.11 5.61
C ILE F 103 -27.46 17.52 7.00
N ASP F 104 -28.46 17.68 7.88
CA ASP F 104 -28.37 17.15 9.24
C ASP F 104 -28.18 15.64 9.23
N LYS F 105 -28.90 14.95 8.35
CA LYS F 105 -28.80 13.50 8.25
C LYS F 105 -27.36 13.06 8.00
N TYR F 106 -26.69 13.69 7.03
CA TYR F 106 -25.32 13.29 6.70
C TYR F 106 -24.32 13.76 7.74
N THR F 107 -24.50 14.96 8.28
CA THR F 107 -23.56 15.51 9.25
C THR F 107 -23.37 14.58 10.46
N SER F 108 -24.45 13.93 10.91
CA SER F 108 -24.35 13.04 12.05
C SER F 108 -23.53 11.79 11.77
N GLN F 109 -23.21 11.52 10.51
CA GLN F 109 -22.42 10.36 10.11
C GLN F 109 -21.00 10.70 9.72
N LEU F 110 -20.63 11.97 9.73
CA LEU F 110 -19.36 12.44 9.19
C LEU F 110 -18.42 12.89 10.30
N PRO F 111 -17.11 12.91 10.04
CA PRO F 111 -16.16 13.52 10.98
C PRO F 111 -16.42 15.00 11.13
N PRO F 112 -15.85 15.65 12.16
CA PRO F 112 -16.14 17.07 12.39
C PRO F 112 -15.75 17.95 11.22
N LEU F 113 -16.53 19.01 11.03
CA LEU F 113 -16.38 19.86 9.86
C LEU F 113 -15.02 20.55 9.83
N THR F 114 -14.41 20.56 8.65
CA THR F 114 -13.19 21.29 8.38
C THR F 114 -13.42 22.24 7.22
N ALA F 115 -12.71 23.37 7.25
CA ALA F 115 -12.71 24.31 6.14
C ALA F 115 -11.43 24.22 5.31
N PHE F 116 -10.63 23.18 5.53
CA PHE F 116 -9.32 23.09 4.89
C PHE F 116 -9.15 21.79 4.12
N ILE F 117 -10.22 21.29 3.52
CA ILE F 117 -10.09 20.20 2.57
C ILE F 117 -10.03 20.79 1.17
N LEU F 118 -9.19 20.22 0.34
CA LEU F 118 -9.21 20.57 -1.06
C LEU F 118 -10.35 19.84 -1.77
N PRO F 119 -10.87 20.40 -2.87
CA PRO F 119 -11.83 19.62 -3.69
C PRO F 119 -11.22 18.28 -4.09
N SER F 120 -11.73 17.18 -3.53
CA SER F 120 -11.07 15.88 -3.62
C SER F 120 -12.07 14.81 -3.19
N GLY F 121 -11.56 13.60 -2.97
CA GLY F 121 -12.35 12.53 -2.38
C GLY F 121 -12.93 11.50 -3.33
N GLY F 122 -12.46 11.44 -4.56
CA GLY F 122 -12.99 10.54 -5.56
C GLY F 122 -13.73 11.28 -6.66
N LYS F 123 -14.09 10.53 -7.69
CA LYS F 123 -14.73 11.16 -8.86
C LYS F 123 -16.06 11.80 -8.48
N ILE F 124 -16.88 11.10 -7.71
CA ILE F 124 -18.20 11.61 -7.35
C ILE F 124 -18.05 12.84 -6.45
N SER F 125 -17.23 12.74 -5.41
CA SER F 125 -17.02 13.86 -4.49
C SER F 125 -16.46 15.07 -5.23
N SER F 126 -15.47 14.85 -6.09
CA SER F 126 -14.89 15.98 -6.82
C SER F 126 -15.91 16.63 -7.77
N ALA F 127 -16.74 15.80 -8.43
CA ALA F 127 -17.78 16.34 -9.29
C ALA F 127 -18.77 17.17 -8.48
N LEU F 128 -19.09 16.71 -7.26
CA LEU F 128 -20.04 17.45 -6.42
C LEU F 128 -19.44 18.76 -5.92
N HIS F 129 -18.12 18.80 -5.68
CA HIS F 129 -17.46 20.06 -5.34
C HIS F 129 -17.49 21.04 -6.51
N PHE F 130 -17.38 20.55 -7.75
CA PHE F 130 -17.58 21.43 -8.89
C PHE F 130 -19.01 21.96 -8.94
N CYS F 131 -20.01 21.09 -8.71
CA CYS F 131 -21.39 21.54 -8.69
C CYS F 131 -21.60 22.60 -7.63
N ARG F 132 -20.98 22.41 -6.46
CA ARG F 132 -21.06 23.37 -5.37
C ARG F 132 -20.55 24.74 -5.82
N ALA F 133 -19.39 24.77 -6.48
CA ALA F 133 -18.86 26.04 -6.99
C ALA F 133 -19.82 26.68 -7.99
N VAL F 134 -20.41 25.89 -8.89
CA VAL F 134 -21.34 26.48 -9.86
C VAL F 134 -22.60 26.97 -9.14
N CYS F 135 -23.01 26.27 -8.09
CA CYS F 135 -24.13 26.73 -7.25
C CYS F 135 -23.85 28.09 -6.66
N CYS F 136 -22.64 28.29 -6.11
CA CYS F 136 -22.29 29.60 -5.56
C CYS F 136 -22.34 30.68 -6.63
N ARG F 137 -21.93 30.34 -7.85
CA ARG F 137 -22.04 31.29 -8.96
C ARG F 137 -23.51 31.60 -9.27
N ALA F 138 -24.37 30.58 -9.34
CA ALA F 138 -25.80 30.82 -9.52
C ALA F 138 -26.35 31.74 -8.44
N GLU F 139 -25.96 31.52 -7.18
CA GLU F 139 -26.43 32.40 -6.12
C GLU F 139 -26.01 33.84 -6.36
N ARG F 140 -24.77 34.07 -6.79
CA ARG F 140 -24.31 35.43 -7.08
C ARG F 140 -25.15 36.08 -8.18
N ARG F 141 -25.67 35.29 -9.14
CA ARG F 141 -26.47 35.88 -10.20
C ARG F 141 -27.91 36.15 -9.77
N VAL F 142 -28.39 35.46 -8.73
CA VAL F 142 -29.75 35.66 -8.27
C VAL F 142 -29.87 36.79 -7.24
N VAL F 143 -28.82 37.02 -6.42
CA VAL F 143 -28.94 38.03 -5.36
C VAL F 143 -29.30 39.41 -5.88
N PRO F 144 -28.78 39.91 -7.02
CA PRO F 144 -29.24 41.24 -7.48
C PRO F 144 -30.72 41.25 -7.88
N LEU F 145 -31.27 40.14 -8.35
CA LEU F 145 -32.69 40.13 -8.68
C LEU F 145 -33.56 40.17 -7.43
N VAL F 146 -33.11 39.56 -6.35
CA VAL F 146 -33.83 39.68 -5.08
C VAL F 146 -33.76 41.13 -4.60
N GLN F 147 -32.59 41.76 -4.69
CA GLN F 147 -32.47 43.15 -4.25
C GLN F 147 -33.39 44.06 -5.05
N MET F 148 -33.56 43.79 -6.34
CA MET F 148 -34.41 44.62 -7.19
C MET F 148 -35.89 44.33 -7.02
N GLY F 149 -36.26 43.37 -6.18
CA GLY F 149 -37.67 43.02 -6.05
C GLY F 149 -38.21 42.20 -7.18
N GLU F 150 -37.35 41.62 -8.03
CA GLU F 150 -37.80 40.86 -9.18
C GLU F 150 -38.10 39.41 -8.83
N THR F 151 -37.48 38.89 -7.77
CA THR F 151 -37.46 37.47 -7.44
C THR F 151 -37.67 37.28 -5.94
N ASP F 152 -38.43 36.24 -5.59
CA ASP F 152 -38.68 35.86 -4.19
C ASP F 152 -37.36 35.59 -3.46
N ALA F 153 -37.24 36.18 -2.25
CA ALA F 153 -36.02 35.98 -1.46
C ALA F 153 -35.72 34.50 -1.22
N ASN F 154 -36.76 33.66 -1.11
CA ASN F 154 -36.53 32.24 -0.87
C ASN F 154 -35.74 31.57 -1.99
N VAL F 155 -35.76 32.11 -3.21
CA VAL F 155 -34.99 31.51 -4.30
C VAL F 155 -33.50 31.57 -3.98
N ALA F 156 -33.04 32.73 -3.50
CA ALA F 156 -31.63 32.87 -3.13
C ALA F 156 -31.30 32.05 -1.88
N LYS F 157 -32.24 32.00 -0.92
CA LYS F 157 -32.01 31.17 0.26
C LYS F 157 -31.81 29.71 -0.13
N PHE F 158 -32.62 29.22 -1.08
CA PHE F 158 -32.48 27.84 -1.51
C PHE F 158 -31.11 27.58 -2.13
N LEU F 159 -30.64 28.50 -2.99
CA LEU F 159 -29.32 28.28 -3.59
C LEU F 159 -28.21 28.38 -2.54
N ASN F 160 -28.34 29.29 -1.56
CA ASN F 160 -27.40 29.34 -0.46
C ASN F 160 -27.34 27.98 0.26
N ARG F 161 -28.49 27.47 0.65
CA ARG F 161 -28.52 26.18 1.36
C ARG F 161 -28.03 25.05 0.47
N LEU F 162 -28.27 25.14 -0.84
CA LEU F 162 -27.90 24.03 -1.73
C LEU F 162 -26.38 23.87 -1.81
N SER F 163 -25.63 24.98 -1.75
N SER F 163 -25.61 24.96 -1.73
CA SER F 163 -24.17 24.88 -1.73
CA SER F 163 -24.16 24.78 -1.78
C SER F 163 -23.71 24.08 -0.52
C SER F 163 -23.64 24.13 -0.49
N ASP F 164 -24.32 24.33 0.64
CA ASP F 164 -23.97 23.59 1.85
C ASP F 164 -24.32 22.11 1.71
N TYR F 165 -25.47 21.81 1.09
CA TYR F 165 -25.83 20.42 0.86
C TYR F 165 -24.81 19.74 -0.05
N LEU F 166 -24.44 20.41 -1.15
CA LEU F 166 -23.51 19.78 -2.08
C LEU F 166 -22.17 19.53 -1.42
N PHE F 167 -21.70 20.47 -0.59
CA PHE F 167 -20.46 20.27 0.16
C PHE F 167 -20.59 19.06 1.07
N THR F 168 -21.69 18.98 1.83
CA THR F 168 -21.88 17.88 2.76
C THR F 168 -22.01 16.55 2.04
N LEU F 169 -22.74 16.51 0.92
CA LEU F 169 -22.87 15.28 0.15
C LEU F 169 -21.53 14.84 -0.42
N ALA F 170 -20.70 15.80 -0.83
CA ALA F 170 -19.37 15.42 -1.32
C ALA F 170 -18.55 14.73 -0.23
N ARG F 171 -18.59 15.28 0.99
CA ARG F 171 -17.91 14.62 2.10
C ARG F 171 -18.48 13.23 2.36
N TYR F 172 -19.80 13.11 2.26
CA TYR F 172 -20.45 11.82 2.52
C TYR F 172 -20.07 10.80 1.46
N ALA F 173 -19.98 11.23 0.18
CA ALA F 173 -19.61 10.29 -0.88
C ALA F 173 -18.18 9.81 -0.70
N ALA F 174 -17.26 10.71 -0.36
CA ALA F 174 -15.88 10.33 -0.09
C ALA F 174 -15.81 9.29 1.03
N MET F 175 -16.58 9.50 2.09
CA MET F 175 -16.55 8.55 3.21
C MET F 175 -17.12 7.20 2.79
N LYS F 176 -18.23 7.19 2.06
CA LYS F 176 -18.83 5.91 1.66
C LYS F 176 -17.88 5.12 0.76
N GLU F 177 -17.08 5.80 -0.04
CA GLU F 177 -16.12 5.14 -0.92
C GLU F 177 -14.82 4.77 -0.21
N GLY F 178 -14.67 5.13 1.07
CA GLY F 178 -13.41 4.91 1.74
C GLY F 178 -12.28 5.75 1.20
N ASN F 179 -12.59 6.95 0.71
CA ASN F 179 -11.62 7.82 0.07
C ASN F 179 -11.15 8.89 1.05
N GLN F 180 -9.83 9.05 1.15
CA GLN F 180 -9.26 10.12 1.93
C GLN F 180 -9.32 11.43 1.16
N GLU F 181 -9.92 12.45 1.76
CA GLU F 181 -9.88 13.78 1.17
C GLU F 181 -8.49 14.39 1.33
N LYS F 182 -8.08 15.19 0.36
CA LYS F 182 -6.80 15.86 0.42
C LYS F 182 -6.91 17.11 1.28
N ILE F 183 -5.86 17.39 2.06
CA ILE F 183 -5.85 18.48 3.03
C ILE F 183 -4.90 19.57 2.55
N TYR F 184 -5.30 20.82 2.77
CA TYR F 184 -4.45 21.96 2.46
C TYR F 184 -3.12 21.88 3.20
N MET F 185 -2.05 22.27 2.51
CA MET F 185 -0.73 22.42 3.10
C MET F 185 -0.12 23.72 2.61
N LYS F 186 0.57 24.43 3.50
CA LYS F 186 1.16 25.74 3.19
C LYS F 186 2.18 25.69 2.05
MG MG G . -19.40 26.56 4.41
K K H . -17.00 33.74 -13.39
PG ATP I . -24.38 30.81 5.22
O1G ATP I . -24.23 29.91 4.01
O2G ATP I . -25.71 31.49 5.31
O3G ATP I . -23.97 30.12 6.50
PB ATP I . -22.60 32.59 3.77
O1B ATP I . -22.36 34.06 3.98
O2B ATP I . -23.37 32.13 2.56
O3B ATP I . -23.26 31.98 5.12
PA ATP I . -20.65 30.43 3.41
O1A ATP I . -21.66 29.77 2.51
O2A ATP I . -20.24 29.77 4.71
O3A ATP I . -21.11 31.94 3.79
O5' ATP I . -19.35 30.74 2.51
C5' ATP I . -18.05 30.83 3.09
C4' ATP I . -17.37 32.09 2.57
O4' ATP I . -17.38 32.13 1.14
C3' ATP I . -18.12 33.35 3.00
O3' ATP I . -17.68 33.81 4.26
C2' ATP I . -17.81 34.33 1.90
O2' ATP I . -16.51 34.87 2.11
C1' ATP I . -17.72 33.45 0.67
N9 ATP I . -19.00 33.29 -0.07
C8 ATP I . -20.22 33.10 0.45
N7 ATP I . -21.16 32.93 -0.53
C5 ATP I . -20.50 33.00 -1.71
C6 ATP I . -20.88 32.88 -3.12
N6 ATP I . -22.17 32.67 -3.46
N1 ATP I . -19.90 33.02 -4.04
C2 ATP I . -18.61 33.24 -3.68
N3 ATP I . -18.19 33.33 -2.41
C4 ATP I . -19.08 33.23 -1.40
MG MG J . 16.14 -21.14 21.91
MG MG K . 41.79 -15.12 4.31
K K L . 14.32 -19.16 24.85
K K M . 24.26 3.27 10.22
PG ATP N . 42.23 -19.27 -0.68
O1G ATP N . 43.58 -18.82 -0.20
O2G ATP N . 41.19 -18.20 -0.44
O3G ATP N . 42.21 -19.86 -2.06
PB ATP N . 40.50 -21.01 0.91
O1B ATP N . 40.47 -22.52 0.96
O2B ATP N . 39.37 -20.25 0.20
O3B ATP N . 41.92 -20.54 0.29
PA ATP N . 40.48 -18.96 3.01
O1A ATP N . 39.70 -18.11 2.03
O2A ATP N . 41.87 -18.58 3.41
O3A ATP N . 40.60 -20.49 2.44
O5' ATP N . 39.56 -19.26 4.31
C5' ATP N . 40.11 -19.59 5.58
C4' ATP N . 39.37 -20.80 6.14
O4' ATP N . 37.94 -20.61 6.16
C3' ATP N . 39.59 -22.05 5.29
O3' ATP N . 40.76 -22.77 5.70
C2' ATP N . 38.33 -22.85 5.52
O2' ATP N . 38.42 -23.52 6.77
C1' ATP N . 37.26 -21.80 5.71
N9 ATP N . 36.57 -21.40 4.46
C8 ATP N . 37.13 -21.13 3.25
N7 ATP N . 36.19 -20.72 2.36
C5 ATP N . 35.00 -20.69 3.01
C6 ATP N . 33.62 -20.33 2.68
N6 ATP N . 33.28 -19.92 1.42
N1 ATP N . 32.69 -20.45 3.66
C2 ATP N . 33.00 -20.84 4.91
N3 ATP N . 34.25 -21.20 5.29
C4 ATP N . 35.26 -21.12 4.40
MG MG O . 39.22 -18.23 0.13
MG MG P . 10.94 -7.13 -10.30
K K Q . 42.57 -16.54 1.40
PG ATP R . 6.87 -12.13 -10.40
O1G ATP R . 7.51 -11.52 -9.17
O2G ATP R . 6.61 -11.09 -11.49
O3G ATP R . 5.68 -13.02 -10.07
PB ATP R . 9.24 -13.83 -10.50
O1B ATP R . 9.40 -15.15 -11.20
O2B ATP R . 9.15 -13.80 -8.99
O3B ATP R . 7.96 -13.08 -11.14
PA ATP R . 10.97 -11.46 -10.39
O1A ATP R . 10.49 -11.28 -8.97
O2A ATP R . 10.70 -10.39 -11.40
O3A ATP R . 10.44 -12.88 -10.99
O5' ATP R . 12.54 -11.72 -10.29
C5' ATP R . 13.43 -11.47 -11.38
C4' ATP R . 14.35 -12.68 -11.57
O4' ATP R . 15.02 -13.04 -10.35
C3' ATP R . 13.62 -13.95 -11.99
O3' ATP R . 13.48 -14.06 -13.40
C2' ATP R . 14.49 -15.07 -11.45
O2' ATP R . 15.56 -15.30 -12.39
C1' ATP R . 15.08 -14.47 -10.18
N9 ATP R . 14.29 -14.72 -8.95
C8 ATP R . 12.95 -14.53 -8.77
N7 ATP R . 12.57 -14.80 -7.50
C5 ATP R . 13.68 -15.14 -6.82
C6 ATP R . 13.97 -15.53 -5.44
N6 ATP R . 12.94 -15.60 -4.54
N1 ATP R . 15.27 -15.82 -5.13
C2 ATP R . 16.25 -15.74 -6.07
N3 ATP R . 16.06 -15.39 -7.35
C4 ATP R . 14.80 -15.08 -7.78
MG MG S . 8.99 -12.14 -7.88
K K T . 8.38 -9.03 -10.15
K K U . 21.12 -19.29 4.09
PG ATP V . 14.97 -22.60 24.67
O1G ATP V . 14.18 -22.04 25.82
O2G ATP V . 15.68 -21.48 23.91
O3G ATP V . 15.84 -23.80 24.99
PB ATP V . 13.76 -23.15 22.09
O1B ATP V . 13.04 -24.41 21.63
O2B ATP V . 15.13 -22.84 21.52
O3B ATP V . 13.83 -23.20 23.69
PA ATP V . 13.00 -20.36 21.73
O1A ATP V . 14.46 -20.06 21.61
O2A ATP V . 12.24 -19.81 22.92
O3A ATP V . 12.73 -21.96 21.73
O5' ATP V . 12.28 -19.94 20.36
C5' ATP V . 10.89 -19.62 20.26
C4' ATP V . 10.33 -20.36 19.04
O4' ATP V . 11.09 -20.13 17.83
C3' ATP V . 10.40 -21.86 19.21
O3' ATP V . 9.27 -22.38 19.93
C2' ATP V . 10.46 -22.39 17.79
O2' ATP V . 9.16 -22.34 17.19
C1' ATP V . 11.27 -21.34 17.07
N9 ATP V . 12.73 -21.56 17.08
C8 ATP V . 13.52 -21.96 18.11
N7 ATP V . 14.84 -21.99 17.76
C5 ATP V . 14.89 -21.59 16.46
C6 ATP V . 15.95 -21.37 15.46
N6 ATP V . 17.26 -21.61 15.79
N1 ATP V . 15.58 -20.94 14.22
C2 ATP V . 14.29 -20.72 13.91
N3 ATP V . 13.27 -20.90 14.79
C4 ATP V . 13.51 -21.31 16.05
C1 GOL W . -33.53 -12.20 -14.51
O1 GOL W . -32.20 -12.10 -14.95
C2 GOL W . -34.14 -13.46 -15.18
O2 GOL W . -35.53 -13.49 -15.07
C3 GOL W . -33.67 -13.40 -16.65
O3 GOL W . -32.29 -13.53 -16.64
MG MG X . -35.96 -18.51 -17.28
K K Y . -34.41 -15.29 -19.08
K K Z . -29.86 -19.41 17.26
PG ATP AA . -34.58 -18.57 -20.29
O1G ATP AA . -33.84 -17.54 -21.09
O2G ATP AA . -35.32 -19.63 -21.09
O3G ATP AA . -35.43 -17.95 -19.21
PB ATP AA . -33.37 -19.98 -18.08
O1B ATP AA . -32.52 -21.22 -18.09
O2B ATP AA . -34.77 -20.08 -17.50
O3B ATP AA . -33.38 -19.37 -19.57
PA ATP AA . -32.94 -17.47 -16.63
O1A ATP AA . -32.17 -16.41 -17.39
O2A ATP AA . -34.45 -17.39 -16.56
O3A ATP AA . -32.48 -18.88 -17.27
O5' ATP AA . -32.34 -17.52 -15.13
C5' ATP AA . -30.99 -17.16 -14.86
C4' ATP AA . -30.32 -18.25 -14.01
O4' ATP AA . -31.11 -18.59 -12.85
C3' ATP AA . -30.13 -19.56 -14.76
O3' ATP AA . -28.91 -19.59 -15.52
C2' ATP AA . -30.16 -20.61 -13.67
O2' ATP AA . -28.88 -20.65 -13.03
C1' ATP AA . -31.12 -20.02 -12.65
N9 ATP AA . -32.54 -20.40 -12.83
C8 ATP AA . -33.26 -20.41 -13.98
N7 ATP AA . -34.56 -20.75 -13.73
C5 ATP AA . -34.68 -20.96 -12.41
C6 ATP AA . -35.78 -21.31 -11.50
N6 ATP AA . -37.02 -21.54 -11.97
N1 ATP AA . -35.48 -21.40 -10.17
C2 ATP AA . -34.24 -21.17 -9.70
N3 ATP AA . -33.18 -20.84 -10.48
C4 ATP AA . -33.35 -20.71 -11.81
MG MG BA . -23.64 30.21 2.03
MG MG CA . -32.03 30.32 -28.66
K K DA . -22.55 27.84 5.05
K K EA . -19.47 33.92 -15.59
K K FA . -15.96 10.65 -16.60
PG ATP GA . -34.51 30.90 -30.75
O1G ATP GA . -33.39 30.06 -30.15
O2G ATP GA . -34.07 31.92 -31.76
O3G ATP GA . -35.65 30.05 -31.25
PB ATP GA . -34.47 32.19 -28.13
O1B ATP GA . -32.96 32.08 -28.23
O2B ATP GA . -35.05 33.53 -27.72
O3B ATP GA . -35.17 31.74 -29.52
PA ATP GA . -34.63 29.60 -26.82
O1A ATP GA . -33.24 29.39 -27.37
O2A ATP GA . -35.76 28.73 -27.32
O3A ATP GA . -35.09 31.14 -27.05
O5' ATP GA . -34.56 29.60 -25.21
C5' ATP GA . -35.66 29.24 -24.37
C4' ATP GA . -35.74 30.29 -23.27
O4' ATP GA . -34.49 30.42 -22.58
C3' ATP GA . -36.03 31.69 -23.81
O3' ATP GA . -37.43 31.97 -23.93
C2' ATP GA . -35.38 32.60 -22.78
O2' ATP GA . -36.30 32.75 -21.70
C1' ATP GA . -34.20 31.79 -22.29
N9 ATP GA . -32.94 32.04 -23.02
C8 ATP GA . -32.78 32.10 -24.36
N7 ATP GA . -31.48 32.30 -24.70
C5 ATP GA . -30.78 32.34 -23.55
C6 ATP GA . -29.37 32.51 -23.18
N6 ATP GA . -28.44 32.66 -24.15
N1 ATP GA . -29.05 32.48 -21.86
C2 ATP GA . -29.99 32.31 -20.91
N3 ATP GA . -31.31 32.16 -21.17
C4 ATP GA . -31.75 32.15 -22.46
#